data_1OKE
#
_entry.id   1OKE
#
_cell.length_a   81.602
_cell.length_b   81.602
_cell.length_c   287.408
_cell.angle_alpha   90.00
_cell.angle_beta   90.00
_cell.angle_gamma   120.00
#
_symmetry.space_group_name_H-M   'P 31 2 1'
#
loop_
_entity.id
_entity.type
_entity.pdbx_description
1 polymer 'MAJOR ENVELOPE PROTEIN E'
2 branched beta-D-mannopyranose-(1-4)-2-acetamido-2-deoxy-beta-D-glucopyranose-(1-4)-[beta-L-fucopyranose-(1-6)]2-acetamido-2-deoxy-beta-D-glucopyranose
3 non-polymer 2-acetamido-2-deoxy-beta-D-glucopyranose
4 non-polymer 'octyl beta-D-glucopyranoside'
5 water water
#
_entity_poly.entity_id   1
_entity_poly.type   'polypeptide(L)'
_entity_poly.pdbx_seq_one_letter_code
;MRCIGISNRDFVEGVSGGSWVDIVLEHGSCVTTMAKNKPTLDFELIKTEAKQPATLRKYCIEAKLTNTTTESRCPTQGEP
TLNEEQDKRFVCKHSMVDRGWGNGCGLFGKGGIVTCAMFTCKKNMEGKIVQPENLEYTVVITPHSGEEHAVGNDTGKHGK
EVKITPQSSITEAELTGYGTVTMECSPRTGLDFNEMVLLQMKDKAWLVHRQWFLDLPLPWLPGADTQGSNWIQKETLVTF
KNPHAKKQDVVVLGSQEGAMHTALTGATEIQMSSGNLLFTGHLKCRLRMDKLQLKGMSYSMCTGKFKVVKEIAETQHGTI
VIRVQYEGDGSPCKIPFEIMDLEKRHVLGRLITVNPIVTEKDSPVNIEAEPPFGDSYIIIGVEPGQLKLNWFKK
;
_entity_poly.pdbx_strand_id   A,B
#
loop_
_chem_comp.id
_chem_comp.type
_chem_comp.name
_chem_comp.formula
BMA D-saccharide, beta linking beta-D-mannopyranose 'C6 H12 O6'
BOG D-saccharide 'octyl beta-D-glucopyranoside' 'C14 H28 O6'
FUL L-saccharide, beta linking beta-L-fucopyranose 'C6 H12 O5'
NAG D-saccharide, beta linking 2-acetamido-2-deoxy-beta-D-glucopyranose 'C8 H15 N O6'
#
# COMPACT_ATOMS: atom_id res chain seq x y z
N MET A 1 -13.21 -8.90 43.44
CA MET A 1 -12.11 -7.95 43.78
C MET A 1 -11.21 -7.79 42.56
N ARG A 2 -11.69 -8.33 41.44
CA ARG A 2 -11.00 -8.29 40.16
C ARG A 2 -10.76 -6.84 39.76
N CYS A 3 -11.71 -5.96 40.05
CA CYS A 3 -11.56 -4.57 39.66
C CYS A 3 -10.53 -3.70 40.39
N ILE A 4 -10.11 -4.10 41.58
CA ILE A 4 -9.16 -3.29 42.32
C ILE A 4 -7.81 -3.22 41.62
N GLY A 5 -7.53 -2.08 41.02
CA GLY A 5 -6.29 -1.92 40.29
C GLY A 5 -6.53 -1.32 38.93
N ILE A 6 -7.70 -1.61 38.35
CA ILE A 6 -8.06 -1.05 37.04
C ILE A 6 -8.40 0.42 37.25
N SER A 7 -7.98 1.28 36.32
CA SER A 7 -8.27 2.72 36.47
C SER A 7 -9.62 3.15 35.88
N ASN A 8 -10.05 2.43 34.85
CA ASN A 8 -11.33 2.73 34.22
C ASN A 8 -12.29 1.85 34.99
N ARG A 9 -12.48 2.20 36.26
CA ARG A 9 -13.36 1.46 37.16
C ARG A 9 -14.51 2.34 37.63
N ASP A 10 -15.72 1.79 37.54
CA ASP A 10 -16.89 2.54 38.00
C ASP A 10 -17.62 1.86 39.16
N PHE A 11 -17.98 2.69 40.14
CA PHE A 11 -18.72 2.23 41.32
C PHE A 11 -20.20 2.52 41.14
N VAL A 12 -21.02 1.48 41.23
CA VAL A 12 -22.47 1.63 41.04
C VAL A 12 -23.34 1.10 42.17
N GLU A 13 -24.36 1.88 42.52
CA GLU A 13 -25.34 1.52 43.55
C GLU A 13 -26.78 1.61 43.02
N GLY A 14 -27.65 0.77 43.55
CA GLY A 14 -29.03 0.77 43.10
C GLY A 14 -29.97 1.71 43.84
N VAL A 15 -31.22 1.77 43.37
CA VAL A 15 -32.23 2.62 43.99
C VAL A 15 -32.49 2.09 45.41
N SER A 16 -32.33 2.94 46.42
CA SER A 16 -32.57 2.53 47.81
C SER A 16 -33.85 1.72 47.91
N GLY A 17 -33.76 0.52 48.48
CA GLY A 17 -34.94 -0.31 48.63
C GLY A 17 -35.07 -1.36 47.54
N GLY A 18 -34.88 -0.96 46.29
CA GLY A 18 -34.98 -1.91 45.20
C GLY A 18 -33.81 -2.88 45.27
N SER A 19 -33.86 -3.94 44.47
CA SER A 19 -32.77 -4.92 44.45
C SER A 19 -32.27 -5.09 43.02
N TRP A 20 -32.50 -4.06 42.21
CA TRP A 20 -32.08 -4.05 40.81
C TRP A 20 -31.21 -2.84 40.53
N VAL A 21 -30.06 -3.06 39.90
CA VAL A 21 -29.14 -1.99 39.57
C VAL A 21 -28.78 -2.10 38.10
N ASP A 22 -28.57 -0.97 37.44
CA ASP A 22 -28.18 -0.96 36.02
C ASP A 22 -26.71 -0.57 35.86
N ILE A 23 -25.99 -1.33 35.05
CA ILE A 23 -24.57 -1.07 34.84
C ILE A 23 -24.26 -1.03 33.34
N VAL A 24 -23.12 -0.46 33.00
CA VAL A 24 -22.69 -0.38 31.60
C VAL A 24 -21.28 -0.95 31.54
N LEU A 25 -21.05 -1.91 30.63
CA LEU A 25 -19.74 -2.53 30.48
C LEU A 25 -19.13 -2.35 29.10
N GLU A 26 -17.87 -1.93 29.06
CA GLU A 26 -17.19 -1.79 27.79
C GLU A 26 -15.83 -2.38 27.98
N HIS A 27 -15.29 -2.93 26.91
CA HIS A 27 -13.97 -3.52 27.00
C HIS A 27 -13.03 -2.50 27.64
N GLY A 28 -12.14 -2.98 28.50
CA GLY A 28 -11.22 -2.08 29.17
C GLY A 28 -11.83 -1.39 30.37
N SER A 29 -13.09 -1.71 30.66
CA SER A 29 -13.79 -1.11 31.79
C SER A 29 -14.06 -2.13 32.90
N CYS A 30 -14.41 -1.64 34.09
CA CYS A 30 -14.68 -2.50 35.24
C CYS A 30 -15.73 -1.84 36.11
N VAL A 31 -16.65 -2.64 36.63
CA VAL A 31 -17.68 -2.06 37.47
C VAL A 31 -17.89 -2.80 38.78
N THR A 32 -17.91 -2.01 39.86
CA THR A 32 -18.09 -2.53 41.21
C THR A 32 -19.48 -2.14 41.67
N THR A 33 -20.33 -3.14 41.93
CA THR A 33 -21.72 -2.89 42.38
C THR A 33 -21.90 -3.11 43.87
N MET A 34 -22.79 -2.30 44.44
CA MET A 34 -23.09 -2.38 45.86
C MET A 34 -24.58 -2.20 46.11
N ALA A 35 -25.06 -2.86 47.16
CA ALA A 35 -26.47 -2.76 47.53
C ALA A 35 -26.68 -3.20 48.98
N LYS A 36 -27.57 -2.48 49.66
CA LYS A 36 -27.89 -2.76 51.05
C LYS A 36 -27.97 -4.27 51.30
N ASN A 37 -27.26 -4.71 52.32
CA ASN A 37 -27.21 -6.12 52.67
C ASN A 37 -27.07 -7.10 51.51
N LYS A 38 -26.21 -6.74 50.58
CA LYS A 38 -25.91 -7.60 49.45
C LYS A 38 -24.39 -7.55 49.29
N PRO A 39 -23.77 -8.65 48.83
CA PRO A 39 -22.32 -8.69 48.65
C PRO A 39 -21.90 -7.74 47.52
N THR A 40 -20.73 -7.13 47.65
CA THR A 40 -20.25 -6.23 46.61
C THR A 40 -19.73 -7.10 45.48
N LEU A 41 -20.11 -6.74 44.25
CA LEU A 41 -19.70 -7.50 43.08
C LEU A 41 -18.91 -6.70 42.03
N ASP A 42 -17.96 -7.36 41.38
CA ASP A 42 -17.16 -6.72 40.33
C ASP A 42 -17.54 -7.34 38.98
N PHE A 43 -17.72 -6.49 37.99
CA PHE A 43 -18.12 -6.91 36.64
C PHE A 43 -17.18 -6.44 35.56
N GLU A 44 -16.76 -7.37 34.71
CA GLU A 44 -15.89 -7.04 33.60
C GLU A 44 -16.27 -7.81 32.33
N LEU A 45 -16.41 -7.07 31.24
CA LEU A 45 -16.72 -7.66 29.94
C LEU A 45 -15.42 -8.21 29.34
N ILE A 46 -15.29 -9.54 29.28
CA ILE A 46 -14.09 -10.23 28.78
C ILE A 46 -14.02 -10.42 27.27
N LYS A 47 -15.18 -10.54 26.61
CA LYS A 47 -15.21 -10.78 25.18
C LYS A 47 -16.52 -10.46 24.49
N THR A 48 -16.43 -10.15 23.21
CA THR A 48 -17.61 -9.86 22.40
C THR A 48 -17.44 -10.66 21.12
N GLU A 49 -18.27 -11.69 20.96
CA GLU A 49 -18.20 -12.54 19.79
C GLU A 49 -19.44 -12.43 18.91
N ALA A 50 -19.23 -12.18 17.62
CA ALA A 50 -20.31 -12.08 16.66
C ALA A 50 -20.41 -13.44 15.97
N LYS A 51 -21.53 -14.12 16.15
CA LYS A 51 -21.71 -15.45 15.55
C LYS A 51 -22.16 -15.40 14.06
N GLN A 52 -21.28 -15.84 13.12
CA GLN A 52 -21.46 -15.88 11.63
C GLN A 52 -22.27 -14.79 10.94
N PRO A 53 -21.61 -13.66 10.61
CA PRO A 53 -22.25 -12.51 9.95
C PRO A 53 -22.27 -12.67 8.45
N ALA A 54 -22.99 -11.77 7.80
CA ALA A 54 -23.12 -11.80 6.35
C ALA A 54 -22.01 -11.02 5.69
N THR A 55 -21.38 -11.65 4.70
CA THR A 55 -20.32 -11.01 3.95
C THR A 55 -20.97 -10.14 2.88
N LEU A 56 -20.99 -8.84 3.10
CA LEU A 56 -21.58 -7.92 2.13
C LEU A 56 -20.78 -7.93 0.83
N ARG A 57 -19.45 -7.82 0.94
CA ARG A 57 -18.60 -7.79 -0.23
C ARG A 57 -17.16 -8.13 0.13
N LYS A 58 -16.42 -8.59 -0.86
CA LYS A 58 -15.03 -8.98 -0.69
C LYS A 58 -14.15 -8.20 -1.69
N TYR A 59 -13.17 -7.46 -1.18
CA TYR A 59 -12.27 -6.67 -2.01
C TYR A 59 -10.86 -7.27 -2.14
N CYS A 60 -10.24 -7.10 -3.30
CA CYS A 60 -8.88 -7.58 -3.51
C CYS A 60 -7.99 -6.36 -3.24
N ILE A 61 -6.89 -6.55 -2.49
CA ILE A 61 -6.00 -5.42 -2.18
C ILE A 61 -4.58 -5.60 -2.67
N GLU A 62 -4.28 -6.79 -3.20
CA GLU A 62 -2.99 -7.10 -3.76
C GLU A 62 -3.20 -8.21 -4.82
N ALA A 63 -2.77 -7.97 -6.05
CA ALA A 63 -2.93 -8.93 -7.11
C ALA A 63 -1.66 -9.18 -7.89
N LYS A 64 -1.74 -10.17 -8.80
CA LYS A 64 -0.62 -10.58 -9.63
C LYS A 64 -1.15 -10.80 -11.05
N LEU A 65 -0.36 -10.43 -12.06
CA LEU A 65 -0.75 -10.63 -13.45
C LEU A 65 0.13 -11.72 -14.05
N THR A 66 -0.44 -12.55 -14.91
CA THR A 66 0.32 -13.62 -15.52
C THR A 66 -0.31 -14.01 -16.85
N ASN A 67 0.31 -14.96 -17.54
CA ASN A 67 -0.23 -15.45 -18.80
C ASN A 67 -0.72 -14.34 -19.71
N THR A 68 0.11 -13.34 -19.94
CA THR A 68 -0.28 -12.25 -20.82
C THR A 68 -0.32 -12.79 -22.24
N THR A 69 -1.40 -12.49 -22.94
CA THR A 69 -1.53 -12.95 -24.32
C THR A 69 -2.06 -11.76 -25.11
N THR A 70 -1.88 -11.80 -26.41
CA THR A 70 -2.28 -10.68 -27.22
C THR A 70 -2.58 -11.11 -28.66
N GLU A 71 -3.44 -10.34 -29.32
CA GLU A 71 -3.84 -10.60 -30.70
C GLU A 71 -3.93 -9.25 -31.43
N SER A 72 -3.60 -9.22 -32.71
CA SER A 72 -3.65 -7.97 -33.45
C SER A 72 -4.02 -8.14 -34.91
N ARG A 73 -4.64 -7.12 -35.48
CA ARG A 73 -5.04 -7.16 -36.87
C ARG A 73 -4.36 -6.04 -37.63
N CYS A 74 -4.44 -6.13 -38.96
CA CYS A 74 -3.86 -5.12 -39.83
C CYS A 74 -4.88 -4.04 -40.06
N PRO A 75 -4.44 -2.88 -40.57
CA PRO A 75 -5.38 -1.80 -40.84
C PRO A 75 -6.49 -2.35 -41.75
N THR A 76 -7.72 -1.93 -41.48
CA THR A 76 -8.88 -2.36 -42.25
C THR A 76 -9.25 -3.82 -42.10
N GLN A 77 -8.62 -4.53 -41.16
CA GLN A 77 -8.95 -5.94 -40.96
C GLN A 77 -9.79 -6.17 -39.71
N GLY A 78 -10.38 -5.12 -39.18
CA GLY A 78 -11.24 -5.26 -38.00
C GLY A 78 -10.53 -5.51 -36.68
N GLU A 79 -11.31 -5.86 -35.67
CA GLU A 79 -10.74 -6.10 -34.35
C GLU A 79 -10.12 -7.47 -34.17
N PRO A 80 -9.10 -7.56 -33.29
CA PRO A 80 -8.38 -8.80 -32.98
C PRO A 80 -9.29 -9.55 -31.98
N THR A 81 -8.94 -10.80 -31.67
CA THR A 81 -9.75 -11.56 -30.73
C THR A 81 -8.93 -12.50 -29.91
N LEU A 82 -9.31 -12.65 -28.66
CA LEU A 82 -8.65 -13.60 -27.78
C LEU A 82 -9.76 -14.32 -27.03
N ASN A 83 -9.61 -15.61 -26.82
CA ASN A 83 -10.67 -16.30 -26.06
C ASN A 83 -10.69 -15.80 -24.62
N GLU A 84 -9.53 -15.36 -24.13
CA GLU A 84 -9.42 -14.84 -22.77
C GLU A 84 -10.37 -13.64 -22.56
N GLU A 85 -10.83 -13.03 -23.64
CA GLU A 85 -11.75 -11.91 -23.48
C GLU A 85 -13.00 -12.41 -22.73
N GLN A 86 -13.22 -13.73 -22.76
CA GLN A 86 -14.36 -14.32 -22.07
C GLN A 86 -14.03 -14.98 -20.75
N ASP A 87 -12.75 -15.29 -20.54
CA ASP A 87 -12.36 -15.91 -19.29
C ASP A 87 -12.36 -14.85 -18.19
N LYS A 88 -13.37 -14.90 -17.33
CA LYS A 88 -13.56 -13.96 -16.25
C LYS A 88 -12.40 -13.80 -15.26
N ARG A 89 -11.34 -14.57 -15.45
CA ARG A 89 -10.19 -14.44 -14.58
C ARG A 89 -9.24 -13.43 -15.21
N PHE A 90 -9.41 -13.20 -16.50
CA PHE A 90 -8.54 -12.28 -17.23
C PHE A 90 -9.05 -10.86 -17.35
N VAL A 91 -8.11 -9.92 -17.38
CA VAL A 91 -8.44 -8.52 -17.58
C VAL A 91 -7.93 -8.20 -19.00
N CYS A 92 -8.71 -7.49 -19.79
CA CYS A 92 -8.31 -7.16 -21.16
C CYS A 92 -8.57 -5.71 -21.57
N LYS A 93 -7.88 -5.28 -22.60
CA LYS A 93 -8.05 -3.93 -23.13
C LYS A 93 -7.72 -3.93 -24.63
N HIS A 94 -8.53 -3.23 -25.42
CA HIS A 94 -8.32 -3.13 -26.86
C HIS A 94 -7.59 -1.82 -27.09
N SER A 95 -6.88 -1.74 -28.19
CA SER A 95 -6.14 -0.52 -28.50
C SER A 95 -5.62 -0.56 -29.92
N MET A 96 -4.86 0.46 -30.30
CA MET A 96 -4.29 0.50 -31.65
C MET A 96 -2.78 0.65 -31.58
N VAL A 97 -2.09 0.14 -32.60
CA VAL A 97 -0.64 0.28 -32.69
C VAL A 97 -0.35 0.48 -34.17
N ASP A 98 0.80 1.08 -34.47
CA ASP A 98 1.17 1.34 -35.86
C ASP A 98 1.53 0.06 -36.57
N ARG A 99 1.17 -0.04 -37.84
CA ARG A 99 1.45 -1.23 -38.62
C ARG A 99 1.92 -0.82 -39.99
N GLY A 100 2.54 -1.76 -40.69
CA GLY A 100 3.06 -1.48 -42.01
C GLY A 100 4.07 -2.56 -42.38
N TRP A 101 4.66 -2.45 -43.55
CA TRP A 101 5.61 -3.43 -44.03
C TRP A 101 6.55 -4.05 -43.01
N GLY A 102 7.31 -3.22 -42.33
CA GLY A 102 8.27 -3.71 -41.36
C GLY A 102 7.74 -4.59 -40.23
N ASN A 103 6.42 -4.64 -40.03
CA ASN A 103 5.86 -5.51 -39.00
C ASN A 103 4.66 -6.34 -39.45
N GLY A 104 4.72 -6.77 -40.70
CA GLY A 104 3.71 -7.65 -41.27
C GLY A 104 2.51 -7.20 -42.06
N CYS A 105 2.21 -5.93 -42.19
CA CYS A 105 1.02 -5.60 -42.96
C CYS A 105 1.33 -4.96 -44.30
N GLY A 106 0.40 -5.15 -45.24
CA GLY A 106 0.59 -4.60 -46.57
C GLY A 106 0.26 -3.13 -46.65
N LEU A 107 -0.48 -2.64 -45.66
CA LEU A 107 -0.87 -1.24 -45.61
C LEU A 107 -0.29 -0.59 -44.37
N PHE A 108 -0.05 0.71 -44.41
CA PHE A 108 0.46 1.41 -43.23
C PHE A 108 -0.75 2.05 -42.59
N GLY A 109 -0.85 1.98 -41.27
CA GLY A 109 -1.99 2.59 -40.61
C GLY A 109 -2.09 2.11 -39.17
N LYS A 110 -3.24 2.36 -38.55
CA LYS A 110 -3.45 1.94 -37.19
C LYS A 110 -4.15 0.60 -37.26
N GLY A 111 -3.62 -0.39 -36.55
CA GLY A 111 -4.25 -1.69 -36.53
C GLY A 111 -4.67 -2.00 -35.10
N GLY A 112 -5.77 -2.73 -34.97
CA GLY A 112 -6.25 -3.08 -33.64
C GLY A 112 -5.37 -4.08 -32.93
N ILE A 113 -5.38 -4.00 -31.62
CA ILE A 113 -4.59 -4.93 -30.82
C ILE A 113 -5.43 -5.14 -29.59
N VAL A 114 -5.36 -6.33 -29.01
CA VAL A 114 -6.08 -6.58 -27.77
C VAL A 114 -5.09 -7.33 -26.86
N THR A 115 -5.04 -6.97 -25.59
CA THR A 115 -4.12 -7.60 -24.66
C THR A 115 -4.89 -8.13 -23.46
N CYS A 116 -4.57 -9.35 -23.02
CA CYS A 116 -5.26 -9.91 -21.87
C CYS A 116 -4.24 -10.52 -20.92
N ALA A 117 -4.53 -10.44 -19.63
CA ALA A 117 -3.62 -11.03 -18.65
C ALA A 117 -4.47 -11.63 -17.55
N MET A 118 -3.98 -12.74 -16.98
CA MET A 118 -4.70 -13.40 -15.90
C MET A 118 -4.44 -12.66 -14.59
N PHE A 119 -5.55 -12.31 -13.93
CA PHE A 119 -5.53 -11.57 -12.67
C PHE A 119 -5.79 -12.48 -11.47
N THR A 120 -4.79 -12.62 -10.60
CA THR A 120 -4.93 -13.48 -9.44
C THR A 120 -4.77 -12.69 -8.16
N CYS A 121 -5.78 -12.75 -7.29
CA CYS A 121 -5.71 -12.02 -6.04
C CYS A 121 -4.80 -12.74 -5.05
N LYS A 122 -3.99 -11.99 -4.33
CA LYS A 122 -3.05 -12.55 -3.37
C LYS A 122 -3.41 -12.18 -1.93
N LYS A 123 -4.19 -11.13 -1.76
CA LYS A 123 -4.59 -10.70 -0.43
C LYS A 123 -5.92 -9.98 -0.57
N ASN A 124 -6.85 -10.20 0.36
CA ASN A 124 -8.15 -9.54 0.27
C ASN A 124 -8.75 -9.14 1.61
N MET A 125 -9.71 -8.23 1.60
CA MET A 125 -10.33 -7.81 2.82
C MET A 125 -11.85 -8.01 2.67
N GLU A 126 -12.55 -8.27 3.78
CA GLU A 126 -14.00 -8.48 3.76
C GLU A 126 -14.82 -7.50 4.56
N GLY A 127 -16.00 -7.18 4.04
CA GLY A 127 -16.91 -6.28 4.73
C GLY A 127 -18.04 -7.17 5.21
N LYS A 128 -18.34 -7.15 6.51
CA LYS A 128 -19.41 -7.98 7.04
C LYS A 128 -20.50 -7.16 7.71
N ILE A 129 -21.69 -7.73 7.72
CA ILE A 129 -22.86 -7.11 8.33
C ILE A 129 -23.18 -7.76 9.64
N VAL A 130 -23.21 -6.93 10.67
CA VAL A 130 -23.48 -7.43 11.99
C VAL A 130 -24.85 -6.98 12.46
N GLN A 131 -25.65 -7.93 12.95
CA GLN A 131 -26.99 -7.61 13.49
C GLN A 131 -26.95 -7.78 15.04
N PRO A 132 -27.29 -6.72 15.86
CA PRO A 132 -27.30 -6.67 17.34
C PRO A 132 -27.85 -7.93 18.00
N GLU A 133 -28.95 -8.42 17.43
CA GLU A 133 -29.63 -9.61 17.89
C GLU A 133 -28.65 -10.75 18.17
N ASN A 134 -27.70 -10.97 17.26
CA ASN A 134 -26.76 -12.06 17.43
C ASN A 134 -25.31 -11.68 17.72
N LEU A 135 -25.11 -11.21 18.95
CA LEU A 135 -23.81 -10.81 19.46
C LEU A 135 -23.71 -11.43 20.87
N GLU A 136 -22.79 -12.35 21.06
CA GLU A 136 -22.61 -13.02 22.35
C GLU A 136 -21.53 -12.34 23.19
N TYR A 137 -21.85 -12.04 24.46
CA TYR A 137 -20.89 -11.39 25.34
C TYR A 137 -20.49 -12.27 26.51
N THR A 138 -19.19 -12.31 26.81
CA THR A 138 -18.70 -13.11 27.92
C THR A 138 -18.38 -12.12 29.06
N VAL A 139 -19.01 -12.33 30.21
CA VAL A 139 -18.79 -11.46 31.36
C VAL A 139 -18.35 -12.23 32.59
N VAL A 140 -17.37 -11.68 33.31
CA VAL A 140 -16.88 -12.31 34.52
C VAL A 140 -17.36 -11.51 35.72
N ILE A 141 -17.98 -12.22 36.65
CA ILE A 141 -18.54 -11.66 37.88
C ILE A 141 -17.66 -12.15 39.03
N THR A 142 -17.04 -11.21 39.74
CA THR A 142 -16.16 -11.56 40.87
C THR A 142 -16.67 -10.78 42.07
N PRO A 143 -17.09 -11.50 43.12
CA PRO A 143 -17.60 -10.86 44.33
C PRO A 143 -16.48 -10.53 45.33
N HIS A 144 -16.73 -9.54 46.18
CA HIS A 144 -15.73 -9.16 47.14
C HIS A 144 -15.72 -10.13 48.30
N SER A 145 -14.95 -11.20 48.12
CA SER A 145 -14.83 -12.24 49.12
C SER A 145 -13.76 -11.91 50.14
N GLY A 146 -12.83 -11.05 49.76
CA GLY A 146 -11.74 -10.68 50.65
C GLY A 146 -10.69 -11.76 50.62
N GLU A 147 -10.90 -12.74 49.75
CA GLU A 147 -9.98 -13.87 49.62
C GLU A 147 -8.50 -13.46 49.42
N GLU A 148 -7.60 -14.11 50.16
CA GLU A 148 -6.18 -13.80 50.11
C GLU A 148 -5.62 -13.37 48.76
N HIS A 149 -5.97 -14.09 47.70
CA HIS A 149 -5.42 -13.78 46.40
C HIS A 149 -6.34 -13.12 45.41
N ALA A 150 -7.47 -12.61 45.84
CA ALA A 150 -8.42 -12.04 44.90
C ALA A 150 -8.22 -10.58 44.46
N VAL A 151 -7.51 -9.77 45.25
CA VAL A 151 -7.38 -8.38 44.84
C VAL A 151 -6.71 -8.25 43.49
N GLY A 152 -7.47 -7.71 42.56
CA GLY A 152 -6.99 -7.48 41.21
C GLY A 152 -6.58 -8.72 40.44
N ASN A 153 -6.96 -9.89 40.92
CA ASN A 153 -6.60 -11.16 40.25
C ASN A 153 -7.39 -11.29 38.95
N ASP A 154 -6.68 -11.33 37.83
CA ASP A 154 -7.30 -11.42 36.50
C ASP A 154 -7.37 -12.85 35.94
N THR A 155 -6.84 -13.80 36.71
CA THR A 155 -6.85 -15.20 36.34
C THR A 155 -8.25 -15.69 35.95
N GLY A 156 -9.26 -15.02 36.50
CA GLY A 156 -10.63 -15.41 36.20
C GLY A 156 -11.09 -16.58 37.03
N LYS A 157 -10.19 -17.16 37.80
CA LYS A 157 -10.54 -18.29 38.64
C LYS A 157 -10.91 -17.86 40.05
N HIS A 158 -11.64 -16.75 40.12
CA HIS A 158 -12.12 -16.19 41.37
C HIS A 158 -13.51 -15.72 40.99
N GLY A 159 -13.68 -15.49 39.69
CA GLY A 159 -14.93 -15.03 39.16
C GLY A 159 -15.71 -16.15 38.50
N LYS A 160 -16.90 -15.79 38.04
CA LYS A 160 -17.81 -16.72 37.38
C LYS A 160 -18.14 -16.18 36.00
N GLU A 161 -17.74 -16.90 34.95
CA GLU A 161 -18.04 -16.45 33.59
C GLU A 161 -19.45 -16.84 33.17
N VAL A 162 -20.12 -15.90 32.50
CA VAL A 162 -21.48 -16.11 32.03
C VAL A 162 -21.52 -15.65 30.58
N LYS A 163 -22.24 -16.37 29.73
CA LYS A 163 -22.34 -15.97 28.32
C LYS A 163 -23.71 -15.30 28.22
N ILE A 164 -23.79 -14.17 27.53
CA ILE A 164 -25.06 -13.47 27.40
C ILE A 164 -25.42 -13.17 25.96
N THR A 165 -26.69 -13.38 25.64
CA THR A 165 -27.18 -13.10 24.31
C THR A 165 -28.39 -12.19 24.42
N PRO A 166 -28.18 -10.90 24.16
CA PRO A 166 -29.06 -9.75 24.15
C PRO A 166 -30.58 -9.95 24.10
N GLN A 167 -31.01 -10.60 23.02
CA GLN A 167 -32.43 -10.87 22.82
C GLN A 167 -32.64 -12.38 22.93
N SER A 168 -32.31 -12.92 24.10
CA SER A 168 -32.49 -14.35 24.37
C SER A 168 -32.91 -14.46 25.83
N SER A 169 -33.74 -13.50 26.25
CA SER A 169 -34.29 -13.41 27.60
C SER A 169 -33.25 -13.13 28.68
N ILE A 170 -33.64 -13.40 29.92
CA ILE A 170 -32.80 -13.21 31.10
C ILE A 170 -31.74 -14.30 31.23
N THR A 171 -30.62 -13.96 31.87
CA THR A 171 -29.53 -14.92 32.07
C THR A 171 -29.28 -15.08 33.57
N GLU A 172 -29.18 -16.33 34.02
CA GLU A 172 -28.96 -16.61 35.43
C GLU A 172 -27.53 -16.97 35.77
N ALA A 173 -27.02 -16.35 36.82
CA ALA A 173 -25.66 -16.58 37.28
C ALA A 173 -25.65 -17.04 38.73
N GLU A 174 -25.00 -18.18 38.96
CA GLU A 174 -24.89 -18.78 40.27
C GLU A 174 -23.54 -18.45 40.90
N LEU A 175 -23.55 -17.59 41.91
CA LEU A 175 -22.33 -17.21 42.59
C LEU A 175 -22.12 -18.10 43.82
N THR A 176 -21.30 -19.13 43.65
CA THR A 176 -21.02 -20.07 44.73
C THR A 176 -21.00 -19.43 46.12
N GLY A 177 -21.91 -19.88 46.99
CA GLY A 177 -21.97 -19.37 48.34
C GLY A 177 -22.71 -18.06 48.59
N TYR A 178 -23.01 -17.30 47.54
CA TYR A 178 -23.70 -16.03 47.73
C TYR A 178 -25.15 -16.04 47.23
N GLY A 179 -25.52 -17.09 46.51
CA GLY A 179 -26.85 -17.20 45.96
C GLY A 179 -26.80 -17.12 44.45
N THR A 180 -27.72 -16.38 43.85
CA THR A 180 -27.74 -16.26 42.41
C THR A 180 -28.21 -14.89 41.94
N VAL A 181 -27.54 -14.39 40.92
CA VAL A 181 -27.87 -13.08 40.38
C VAL A 181 -28.45 -13.21 38.97
N THR A 182 -29.18 -12.17 38.56
CA THR A 182 -29.80 -12.18 37.25
C THR A 182 -29.50 -10.93 36.43
N MET A 183 -29.16 -11.16 35.16
CA MET A 183 -28.82 -10.08 34.23
C MET A 183 -29.73 -10.05 33.02
N GLU A 184 -30.26 -8.86 32.74
CA GLU A 184 -31.12 -8.67 31.58
C GLU A 184 -30.40 -7.59 30.77
N CYS A 185 -29.68 -8.01 29.73
CA CYS A 185 -28.92 -7.06 28.94
C CYS A 185 -29.54 -6.58 27.63
N SER A 186 -29.27 -5.31 27.32
CA SER A 186 -29.78 -4.65 26.11
C SER A 186 -28.74 -4.30 25.04
N PRO A 187 -28.88 -4.93 23.87
CA PRO A 187 -28.01 -4.70 22.71
C PRO A 187 -28.13 -3.27 22.24
N ARG A 188 -29.38 -2.91 21.93
CA ARG A 188 -29.73 -1.63 21.39
C ARG A 188 -28.84 -0.42 21.65
N THR A 189 -28.11 -0.14 20.57
CA THR A 189 -27.16 0.95 20.38
C THR A 189 -25.81 1.10 21.05
N GLY A 190 -25.18 2.12 20.49
CA GLY A 190 -23.85 2.60 20.77
C GLY A 190 -23.76 3.23 19.39
N LEU A 191 -24.23 2.44 18.41
CA LEU A 191 -24.33 2.80 16.98
C LEU A 191 -25.30 1.87 16.20
N ASP A 192 -25.74 2.31 15.02
CA ASP A 192 -26.67 1.55 14.16
C ASP A 192 -26.02 0.55 13.20
N PHE A 193 -26.25 -0.75 13.38
CA PHE A 193 -25.63 -1.79 12.53
C PHE A 193 -26.19 -1.98 11.11
N ASN A 194 -27.03 -1.08 10.65
CA ASN A 194 -27.61 -1.18 9.34
C ASN A 194 -26.78 -0.42 8.32
N GLU A 195 -26.39 0.79 8.67
CA GLU A 195 -25.60 1.65 7.79
C GLU A 195 -24.11 1.57 8.08
N MET A 196 -23.71 0.55 8.83
CA MET A 196 -22.31 0.35 9.14
C MET A 196 -21.86 -1.03 8.72
N VAL A 197 -20.58 -1.17 8.39
CA VAL A 197 -20.02 -2.43 7.96
C VAL A 197 -18.79 -2.79 8.80
N LEU A 198 -18.67 -4.06 9.15
CA LEU A 198 -17.51 -4.51 9.90
C LEU A 198 -16.48 -4.96 8.87
N LEU A 199 -15.39 -4.22 8.76
CA LEU A 199 -14.34 -4.54 7.80
C LEU A 199 -13.18 -5.28 8.48
N GLN A 200 -12.75 -6.38 7.89
CA GLN A 200 -11.65 -7.17 8.43
C GLN A 200 -10.52 -7.34 7.44
N MET A 201 -9.30 -6.99 7.86
CA MET A 201 -8.08 -7.16 7.04
C MET A 201 -7.17 -7.92 7.98
N LYS A 202 -7.23 -9.24 7.89
CA LYS A 202 -6.45 -10.11 8.77
C LYS A 202 -6.89 -9.85 10.23
N ASP A 203 -5.96 -9.71 11.15
CA ASP A 203 -6.35 -9.49 12.55
C ASP A 203 -6.81 -8.07 12.88
N LYS A 204 -6.76 -7.18 11.91
CA LYS A 204 -7.20 -5.81 12.13
C LYS A 204 -8.68 -5.72 11.77
N ALA A 205 -9.42 -4.79 12.40
CA ALA A 205 -10.85 -4.66 12.13
C ALA A 205 -11.48 -3.33 12.55
N TRP A 206 -12.32 -2.79 11.67
CA TRP A 206 -13.00 -1.51 11.94
C TRP A 206 -14.49 -1.59 11.64
N LEU A 207 -15.18 -0.53 12.02
CA LEU A 207 -16.60 -0.42 11.73
C LEU A 207 -16.66 0.81 10.86
N VAL A 208 -17.16 0.66 9.64
CA VAL A 208 -17.22 1.78 8.71
C VAL A 208 -18.59 1.94 8.07
N HIS A 209 -18.83 3.10 7.47
CA HIS A 209 -20.09 3.41 6.80
C HIS A 209 -20.27 2.58 5.52
N ARG A 210 -21.46 2.02 5.36
CA ARG A 210 -21.79 1.21 4.20
C ARG A 210 -21.42 1.91 2.87
N GLN A 211 -21.91 3.13 2.68
CA GLN A 211 -21.63 3.86 1.45
C GLN A 211 -20.14 3.94 1.15
N TRP A 212 -19.38 4.47 2.10
CA TRP A 212 -17.93 4.59 1.95
C TRP A 212 -17.31 3.23 1.52
N PHE A 213 -17.70 2.17 2.23
CA PHE A 213 -17.23 0.83 1.94
C PHE A 213 -17.56 0.38 0.52
N LEU A 214 -18.80 0.59 0.12
CA LEU A 214 -19.22 0.19 -1.20
C LEU A 214 -18.57 1.01 -2.31
N ASP A 215 -18.07 2.20 -1.99
CA ASP A 215 -17.43 3.03 -3.00
C ASP A 215 -15.92 2.84 -3.12
N LEU A 216 -15.35 1.92 -2.37
CA LEU A 216 -13.91 1.69 -2.44
C LEU A 216 -13.50 1.27 -3.86
N PRO A 217 -12.57 2.01 -4.48
CA PRO A 217 -12.11 1.71 -5.84
C PRO A 217 -11.19 0.52 -5.90
N LEU A 218 -11.71 -0.66 -5.56
CA LEU A 218 -10.90 -1.87 -5.58
C LEU A 218 -11.67 -2.92 -6.29
N PRO A 219 -10.99 -4.02 -6.69
CA PRO A 219 -11.65 -5.12 -7.40
C PRO A 219 -12.45 -5.85 -6.36
N TRP A 220 -13.61 -6.35 -6.73
CA TRP A 220 -14.43 -7.06 -5.74
C TRP A 220 -15.16 -8.30 -6.20
N LEU A 221 -15.77 -8.97 -5.22
CA LEU A 221 -16.58 -10.17 -5.43
C LEU A 221 -17.81 -9.99 -4.55
N PRO A 222 -18.99 -10.45 -5.02
CA PRO A 222 -20.21 -10.31 -4.23
C PRO A 222 -20.03 -11.15 -2.97
N GLY A 223 -20.70 -10.74 -1.89
CA GLY A 223 -20.60 -11.47 -0.64
C GLY A 223 -20.73 -12.98 -0.75
N ALA A 224 -21.72 -13.42 -1.52
CA ALA A 224 -22.00 -14.85 -1.73
C ALA A 224 -20.90 -15.66 -2.41
N ASP A 225 -20.03 -15.00 -3.18
CA ASP A 225 -18.97 -15.70 -3.92
C ASP A 225 -18.13 -16.74 -3.17
N THR A 226 -17.83 -17.84 -3.87
CA THR A 226 -17.02 -18.92 -3.34
C THR A 226 -15.74 -19.10 -4.12
N GLN A 227 -15.84 -19.17 -5.44
CA GLN A 227 -14.66 -19.37 -6.31
C GLN A 227 -13.50 -18.44 -5.96
N GLY A 228 -13.82 -17.17 -5.76
CA GLY A 228 -12.80 -16.18 -5.42
C GLY A 228 -11.81 -15.88 -6.54
N SER A 229 -12.29 -15.85 -7.77
CA SER A 229 -11.41 -15.56 -8.92
C SER A 229 -12.03 -14.69 -10.00
N ASN A 230 -13.35 -14.55 -10.00
CA ASN A 230 -14.00 -13.75 -11.03
C ASN A 230 -14.27 -12.34 -10.55
N TRP A 231 -13.20 -11.66 -10.18
CA TRP A 231 -13.29 -10.30 -9.65
C TRP A 231 -13.90 -9.28 -10.59
N ILE A 232 -14.77 -8.46 -10.04
CA ILE A 232 -15.41 -7.40 -10.81
C ILE A 232 -14.55 -6.17 -10.70
N GLN A 233 -14.42 -5.43 -11.81
CA GLN A 233 -13.63 -4.21 -11.83
C GLN A 233 -12.14 -4.39 -11.55
N LYS A 234 -11.56 -5.42 -12.15
CA LYS A 234 -10.14 -5.69 -12.01
C LYS A 234 -9.31 -4.46 -12.46
N GLU A 235 -9.83 -3.73 -13.46
CA GLU A 235 -9.17 -2.54 -14.00
C GLU A 235 -8.73 -1.51 -12.96
N THR A 236 -9.31 -1.60 -11.77
CA THR A 236 -8.95 -0.68 -10.72
C THR A 236 -7.58 -0.92 -10.11
N LEU A 237 -7.02 -2.13 -10.33
CA LEU A 237 -5.68 -2.49 -9.82
C LEU A 237 -4.77 -2.81 -10.98
N VAL A 238 -5.15 -2.33 -12.14
CA VAL A 238 -4.39 -2.63 -13.31
C VAL A 238 -4.18 -1.38 -14.14
N THR A 239 -3.13 -1.38 -14.94
CA THR A 239 -2.83 -0.23 -15.78
C THR A 239 -2.33 -0.68 -17.14
N PHE A 240 -3.02 -0.22 -18.19
CA PHE A 240 -2.66 -0.50 -19.56
C PHE A 240 -1.98 0.72 -20.15
N LYS A 241 -0.84 0.50 -20.80
CA LYS A 241 -0.09 1.60 -21.41
C LYS A 241 0.27 1.35 -22.86
N ASN A 242 0.04 2.35 -23.70
CA ASN A 242 0.36 2.27 -25.15
C ASN A 242 0.71 3.69 -25.53
N PRO A 243 1.81 4.19 -24.98
CA PRO A 243 2.39 5.54 -25.15
C PRO A 243 2.93 5.95 -26.53
N HIS A 244 3.42 4.98 -27.29
CA HIS A 244 4.01 5.29 -28.57
C HIS A 244 3.34 4.56 -29.70
N ALA A 245 2.18 3.98 -29.46
CA ALA A 245 1.50 3.23 -30.51
C ALA A 245 2.36 2.09 -31.09
N LYS A 246 3.29 1.54 -30.30
CA LYS A 246 4.11 0.43 -30.80
C LYS A 246 3.59 -0.88 -30.25
N LYS A 247 3.30 -0.91 -28.95
CA LYS A 247 2.81 -2.11 -28.33
C LYS A 247 2.08 -1.71 -27.07
N GLN A 248 1.31 -2.64 -26.50
CA GLN A 248 0.56 -2.36 -25.30
C GLN A 248 1.03 -3.18 -24.09
N ASP A 249 1.11 -2.54 -22.93
CA ASP A 249 1.54 -3.24 -21.73
C ASP A 249 0.57 -3.17 -20.58
N VAL A 250 0.67 -4.13 -19.67
CA VAL A 250 -0.19 -4.18 -18.50
C VAL A 250 0.63 -4.46 -17.28
N VAL A 251 0.37 -3.68 -16.23
CA VAL A 251 1.11 -3.88 -15.00
C VAL A 251 0.18 -3.74 -13.79
N VAL A 252 0.39 -4.60 -12.79
CA VAL A 252 -0.41 -4.59 -11.57
C VAL A 252 -0.19 -3.28 -10.83
N LEU A 253 -1.14 -2.91 -9.99
CA LEU A 253 -1.00 -1.65 -9.30
C LEU A 253 -0.41 -1.70 -7.89
N GLY A 254 -0.05 -2.86 -7.38
CA GLY A 254 0.56 -2.88 -6.05
C GLY A 254 -0.33 -2.83 -4.81
N SER A 255 0.03 -3.63 -3.80
CA SER A 255 -0.73 -3.74 -2.57
C SER A 255 -1.31 -2.45 -2.05
N GLN A 256 -2.59 -2.51 -1.67
CA GLN A 256 -3.31 -1.34 -1.17
C GLN A 256 -3.52 -1.45 0.33
N GLU A 257 -2.88 -2.48 0.89
CA GLU A 257 -2.98 -2.73 2.32
C GLU A 257 -2.76 -1.43 3.12
N GLY A 258 -1.62 -0.79 2.95
CA GLY A 258 -1.37 0.43 3.70
C GLY A 258 -2.29 1.58 3.37
N ALA A 259 -2.56 1.79 2.08
CA ALA A 259 -3.44 2.87 1.64
C ALA A 259 -4.75 2.72 2.40
N MET A 260 -5.22 1.48 2.54
CA MET A 260 -6.42 1.20 3.29
C MET A 260 -6.25 1.63 4.75
N HIS A 261 -5.23 1.08 5.41
CA HIS A 261 -4.98 1.45 6.80
C HIS A 261 -5.01 2.98 6.88
N THR A 262 -4.35 3.65 5.96
CA THR A 262 -4.32 5.12 6.00
C THR A 262 -5.69 5.78 5.83
N ALA A 263 -6.55 5.15 5.04
CA ALA A 263 -7.85 5.73 4.83
C ALA A 263 -8.78 5.43 6.00
N LEU A 264 -8.44 4.38 6.75
CA LEU A 264 -9.21 3.95 7.91
C LEU A 264 -8.79 4.64 9.19
N THR A 265 -7.91 5.62 9.07
CA THR A 265 -7.42 6.32 10.25
C THR A 265 -8.54 6.83 11.13
N GLY A 266 -9.46 7.59 10.56
CA GLY A 266 -10.55 8.12 11.37
C GLY A 266 -11.69 7.17 11.73
N ALA A 267 -11.63 5.93 11.28
CA ALA A 267 -12.66 4.94 11.54
C ALA A 267 -12.58 4.26 12.89
N THR A 268 -13.72 3.78 13.38
CA THR A 268 -13.77 3.11 14.67
C THR A 268 -13.06 1.77 14.59
N GLU A 269 -12.09 1.59 15.49
CA GLU A 269 -11.28 0.38 15.53
C GLU A 269 -11.89 -0.68 16.45
N ILE A 270 -11.83 -1.94 16.01
CA ILE A 270 -12.38 -3.04 16.81
C ILE A 270 -11.28 -3.84 17.45
N GLN A 271 -10.26 -4.14 16.66
CA GLN A 271 -9.12 -4.87 17.21
C GLN A 271 -7.92 -4.80 16.25
N MET A 272 -6.71 -4.76 16.82
CA MET A 272 -5.48 -4.71 16.02
C MET A 272 -4.75 -6.05 16.11
N SER A 273 -4.97 -6.74 17.24
CA SER A 273 -4.35 -8.04 17.49
C SER A 273 -5.42 -9.13 17.50
N SER A 274 -4.99 -10.38 17.27
CA SER A 274 -5.91 -11.52 17.23
C SER A 274 -6.93 -11.55 18.37
N GLY A 275 -6.44 -11.43 19.61
CA GLY A 275 -7.32 -11.46 20.76
C GLY A 275 -7.28 -10.22 21.65
N ASN A 276 -7.32 -9.05 21.04
CA ASN A 276 -7.30 -7.79 21.76
C ASN A 276 -8.43 -6.88 21.33
N LEU A 277 -9.67 -7.28 21.64
CA LEU A 277 -10.82 -6.46 21.30
C LEU A 277 -10.63 -5.10 21.97
N LEU A 278 -10.59 -4.04 21.15
CA LEU A 278 -10.41 -2.69 21.66
C LEU A 278 -11.73 -2.07 22.05
N PHE A 279 -12.59 -1.91 21.06
CA PHE A 279 -13.89 -1.34 21.33
C PHE A 279 -14.93 -2.33 20.91
N THR A 280 -16.13 -2.12 21.42
CA THR A 280 -17.21 -3.02 21.08
C THR A 280 -18.56 -2.39 21.34
N GLY A 281 -18.57 -1.19 21.90
CA GLY A 281 -19.83 -0.54 22.21
C GLY A 281 -20.10 -0.72 23.70
N HIS A 282 -21.17 -0.09 24.17
CA HIS A 282 -21.52 -0.17 25.58
C HIS A 282 -22.66 -1.13 25.86
N LEU A 283 -22.33 -2.19 26.59
CA LEU A 283 -23.29 -3.24 26.97
C LEU A 283 -24.02 -2.87 28.26
N LYS A 284 -25.33 -2.68 28.18
CA LYS A 284 -26.14 -2.33 29.36
C LYS A 284 -26.85 -3.55 29.94
N CYS A 285 -26.67 -3.81 31.24
CA CYS A 285 -27.34 -4.94 31.87
C CYS A 285 -28.04 -4.52 33.15
N ARG A 286 -29.21 -5.11 33.38
CA ARG A 286 -30.00 -4.83 34.58
C ARG A 286 -29.80 -6.03 35.51
N LEU A 287 -29.24 -5.75 36.68
CA LEU A 287 -28.94 -6.78 37.67
C LEU A 287 -29.99 -6.96 38.75
N ARG A 288 -30.49 -8.19 38.87
CA ARG A 288 -31.48 -8.49 39.89
C ARG A 288 -30.74 -9.22 41.00
N MET A 289 -30.99 -8.80 42.24
CA MET A 289 -30.30 -9.37 43.39
C MET A 289 -31.15 -9.94 44.53
N ASP A 290 -32.47 -9.99 44.33
CA ASP A 290 -33.36 -10.53 45.36
C ASP A 290 -33.01 -11.97 45.76
N LYS A 291 -32.32 -12.69 44.87
CA LYS A 291 -31.95 -14.08 45.15
C LYS A 291 -30.48 -14.17 45.54
N LEU A 292 -29.89 -13.03 45.85
CA LEU A 292 -28.48 -12.94 46.26
C LEU A 292 -28.46 -12.56 47.73
N GLN A 293 -27.63 -13.24 48.53
CA GLN A 293 -27.56 -12.95 49.97
C GLN A 293 -26.13 -12.99 50.53
N LEU A 294 -25.87 -12.14 51.54
CA LEU A 294 -24.57 -12.08 52.18
C LEU A 294 -24.13 -13.44 52.70
N LYS A 295 -22.82 -13.60 52.93
CA LYS A 295 -22.29 -14.88 53.39
C LYS A 295 -21.76 -14.84 54.82
N GLY A 296 -22.26 -15.73 55.68
CA GLY A 296 -21.80 -15.80 57.07
C GLY A 296 -22.49 -14.91 58.09
N MET A 297 -23.69 -14.40 57.79
CA MET A 297 -24.41 -13.54 58.71
C MET A 297 -24.91 -14.30 59.95
N SER A 298 -24.40 -15.52 60.11
CA SER A 298 -24.75 -16.36 61.24
C SER A 298 -23.60 -16.31 62.22
N TYR A 299 -22.49 -15.71 61.78
CA TYR A 299 -21.31 -15.61 62.61
C TYR A 299 -21.32 -14.47 63.63
N SER A 300 -20.33 -14.52 64.52
CA SER A 300 -20.16 -13.55 65.59
C SER A 300 -18.84 -12.83 65.35
N MET A 301 -18.79 -11.57 65.78
CA MET A 301 -17.58 -10.79 65.64
C MET A 301 -16.46 -11.58 66.29
N CYS A 302 -15.30 -11.66 65.64
CA CYS A 302 -14.14 -12.36 66.19
C CYS A 302 -13.78 -11.62 67.46
N THR A 303 -13.01 -12.28 68.31
CA THR A 303 -12.64 -11.65 69.57
C THR A 303 -11.14 -11.56 69.71
N GLY A 304 -10.44 -12.39 68.96
CA GLY A 304 -8.98 -12.38 69.01
C GLY A 304 -8.35 -11.18 68.36
N LYS A 305 -7.05 -11.28 68.07
CA LYS A 305 -6.38 -10.16 67.46
C LYS A 305 -5.88 -10.43 66.03
N PHE A 306 -5.68 -9.35 65.29
CA PHE A 306 -5.21 -9.42 63.90
C PHE A 306 -3.82 -8.84 63.69
N LYS A 307 -3.17 -9.30 62.62
CA LYS A 307 -1.83 -8.82 62.28
C LYS A 307 -1.92 -8.29 60.85
N VAL A 308 -1.25 -7.17 60.58
CA VAL A 308 -1.29 -6.63 59.24
C VAL A 308 -0.28 -7.42 58.44
N VAL A 309 -0.76 -8.09 57.40
CA VAL A 309 0.07 -8.90 56.53
C VAL A 309 0.49 -8.13 55.28
N LYS A 310 -0.33 -7.17 54.86
CA LYS A 310 0.04 -6.40 53.67
C LYS A 310 -0.46 -5.01 53.96
N GLU A 311 0.51 -4.15 54.25
CA GLU A 311 0.28 -2.76 54.60
C GLU A 311 -0.76 -2.03 53.75
N ILE A 312 -1.49 -1.13 54.41
CA ILE A 312 -2.51 -0.29 53.77
C ILE A 312 -1.97 0.38 52.52
N ALA A 313 -2.70 0.23 51.41
CA ALA A 313 -2.32 0.86 50.16
C ALA A 313 -3.54 1.56 49.52
N GLU A 314 -3.33 2.73 48.95
CA GLU A 314 -4.41 3.49 48.33
C GLU A 314 -4.53 3.26 46.84
N THR A 315 -5.77 3.11 46.34
CA THR A 315 -5.97 2.85 44.90
C THR A 315 -6.12 4.15 44.15
N GLN A 316 -6.26 4.07 42.82
CA GLN A 316 -6.39 5.30 42.04
C GLN A 316 -7.73 6.03 42.20
N HIS A 317 -8.57 5.60 43.12
CA HIS A 317 -9.85 6.26 43.30
C HIS A 317 -10.08 6.65 44.74
N GLY A 318 -9.01 6.77 45.52
CA GLY A 318 -9.17 7.15 46.92
C GLY A 318 -9.49 6.03 47.92
N THR A 319 -9.89 4.84 47.46
CA THR A 319 -10.17 3.74 48.40
C THR A 319 -8.84 3.10 48.80
N ILE A 320 -8.83 2.38 49.92
CA ILE A 320 -7.61 1.72 50.39
C ILE A 320 -7.89 0.22 50.50
N VAL A 321 -6.84 -0.57 50.44
CA VAL A 321 -6.97 -1.99 50.56
C VAL A 321 -5.94 -2.38 51.62
N ILE A 322 -6.31 -3.32 52.47
CA ILE A 322 -5.40 -3.80 53.49
C ILE A 322 -5.56 -5.31 53.59
N ARG A 323 -4.52 -6.00 54.06
CA ARG A 323 -4.62 -7.46 54.23
C ARG A 323 -4.17 -7.88 55.63
N VAL A 324 -5.11 -8.39 56.41
CA VAL A 324 -4.84 -8.84 57.78
C VAL A 324 -5.01 -10.32 57.97
N GLN A 325 -4.37 -10.84 59.01
CA GLN A 325 -4.44 -12.26 59.35
C GLN A 325 -4.89 -12.42 60.78
N TYR A 326 -5.76 -13.38 61.03
CA TYR A 326 -6.29 -13.61 62.37
C TYR A 326 -5.41 -14.54 63.21
N GLU A 327 -5.32 -14.25 64.50
CA GLU A 327 -4.52 -15.09 65.39
C GLU A 327 -5.39 -15.61 66.53
N GLY A 328 -6.68 -15.21 66.52
CA GLY A 328 -7.63 -15.64 67.53
C GLY A 328 -8.17 -17.02 67.21
N ASP A 329 -8.77 -17.68 68.18
CA ASP A 329 -9.29 -19.04 67.96
C ASP A 329 -10.77 -19.07 67.56
N GLY A 330 -11.31 -17.92 67.17
CA GLY A 330 -12.70 -17.84 66.80
C GLY A 330 -13.14 -18.55 65.52
N SER A 331 -12.19 -19.01 64.70
CA SER A 331 -12.54 -19.71 63.46
C SER A 331 -13.55 -18.84 62.70
N PRO A 332 -14.37 -19.44 61.82
CA PRO A 332 -15.34 -18.64 61.07
C PRO A 332 -16.05 -17.57 61.91
N CYS A 333 -15.56 -16.33 61.79
CA CYS A 333 -16.13 -15.18 62.51
C CYS A 333 -16.02 -13.87 61.71
N LYS A 334 -16.88 -12.92 62.01
CA LYS A 334 -16.89 -11.62 61.33
C LYS A 334 -15.73 -10.77 61.84
N ILE A 335 -15.06 -10.05 60.93
CA ILE A 335 -13.95 -9.19 61.34
C ILE A 335 -14.47 -7.80 61.71
N PRO A 336 -14.11 -7.32 62.92
CA PRO A 336 -14.54 -6.01 63.40
C PRO A 336 -13.78 -5.04 62.54
N PHE A 337 -14.47 -4.08 61.94
CA PHE A 337 -13.78 -3.12 61.09
C PHE A 337 -14.55 -1.82 60.98
N GLU A 338 -13.87 -0.71 61.23
CA GLU A 338 -14.53 0.58 61.15
C GLU A 338 -13.55 1.70 60.95
N ILE A 339 -14.01 2.74 60.26
CA ILE A 339 -13.18 3.92 60.02
C ILE A 339 -13.74 5.06 60.87
N MET A 340 -12.97 5.44 61.88
CA MET A 340 -13.34 6.49 62.83
C MET A 340 -12.67 7.81 62.52
N ASP A 341 -13.07 8.85 63.24
CA ASP A 341 -12.47 10.16 63.06
C ASP A 341 -11.22 10.19 63.92
N LEU A 342 -10.45 11.27 63.81
CA LEU A 342 -9.21 11.42 64.54
C LEU A 342 -9.31 11.03 66.01
N GLU A 343 -10.45 11.31 66.62
CA GLU A 343 -10.61 11.00 68.03
C GLU A 343 -11.32 9.67 68.34
N LYS A 344 -11.62 8.88 67.32
CA LYS A 344 -12.29 7.59 67.53
C LYS A 344 -13.65 7.79 68.20
N ARG A 345 -14.32 8.89 67.87
CA ARG A 345 -15.62 9.18 68.45
C ARG A 345 -16.75 8.82 67.48
N HIS A 346 -16.68 9.32 66.24
CA HIS A 346 -17.72 9.03 65.24
C HIS A 346 -17.21 8.19 64.05
N VAL A 347 -18.12 7.49 63.38
CA VAL A 347 -17.79 6.65 62.21
C VAL A 347 -17.75 7.51 60.95
N LEU A 348 -16.73 7.34 60.11
CA LEU A 348 -16.61 8.18 58.90
C LEU A 348 -16.54 7.50 57.54
N GLY A 349 -16.10 6.25 57.51
CA GLY A 349 -15.97 5.57 56.23
C GLY A 349 -16.75 4.29 56.13
N ARG A 350 -16.91 3.83 54.90
CA ARG A 350 -17.66 2.61 54.61
C ARG A 350 -16.79 1.53 54.01
N LEU A 351 -17.20 0.29 54.15
CA LEU A 351 -16.48 -0.83 53.59
C LEU A 351 -16.97 -1.05 52.16
N ILE A 352 -16.09 -1.54 51.31
CA ILE A 352 -16.47 -1.85 49.95
C ILE A 352 -16.54 -3.38 50.03
N THR A 353 -15.58 -3.99 50.72
CA THR A 353 -15.58 -5.43 50.90
C THR A 353 -16.48 -5.68 52.13
N VAL A 354 -17.78 -5.43 51.99
CA VAL A 354 -18.72 -5.59 53.09
C VAL A 354 -18.73 -6.96 53.73
N ASN A 355 -18.98 -7.01 55.03
CA ASN A 355 -19.02 -8.26 55.79
C ASN A 355 -17.72 -9.08 55.72
N PRO A 356 -16.63 -8.48 56.18
CA PRO A 356 -15.30 -9.10 56.19
C PRO A 356 -15.33 -10.27 57.18
N ILE A 357 -15.03 -11.46 56.72
CA ILE A 357 -15.07 -12.61 57.61
C ILE A 357 -13.85 -13.52 57.43
N VAL A 358 -13.33 -14.02 58.53
CA VAL A 358 -12.20 -14.92 58.45
C VAL A 358 -12.85 -16.26 58.13
N THR A 359 -12.10 -17.17 57.54
CA THR A 359 -12.62 -18.48 57.17
C THR A 359 -11.68 -19.57 57.66
N GLU A 360 -10.39 -19.28 57.65
CA GLU A 360 -9.41 -20.24 58.14
C GLU A 360 -8.33 -19.49 58.86
N LYS A 361 -8.06 -19.91 60.09
CA LYS A 361 -7.05 -19.29 60.93
C LYS A 361 -5.91 -18.65 60.12
N ASP A 362 -5.34 -19.42 59.20
CA ASP A 362 -4.19 -18.94 58.41
C ASP A 362 -4.43 -18.46 56.98
N SER A 363 -5.63 -18.02 56.68
CA SER A 363 -5.90 -17.49 55.34
C SER A 363 -6.08 -15.98 55.50
N PRO A 364 -5.06 -15.19 55.13
CA PRO A 364 -5.13 -13.74 55.24
C PRO A 364 -6.36 -13.21 54.54
N VAL A 365 -6.84 -12.04 54.97
CA VAL A 365 -8.03 -11.47 54.35
C VAL A 365 -7.83 -10.05 53.83
N ASN A 366 -8.30 -9.78 52.61
CA ASN A 366 -8.17 -8.47 51.98
C ASN A 366 -9.47 -7.69 52.17
N ILE A 367 -9.36 -6.44 52.60
CA ILE A 367 -10.52 -5.57 52.82
C ILE A 367 -10.39 -4.23 52.07
N GLU A 368 -11.30 -3.93 51.14
CA GLU A 368 -11.21 -2.62 50.48
C GLU A 368 -12.21 -1.72 51.22
N ALA A 369 -11.86 -0.47 51.44
CA ALA A 369 -12.75 0.44 52.14
C ALA A 369 -12.63 1.87 51.60
N GLU A 370 -13.61 2.71 51.88
CA GLU A 370 -13.53 4.08 51.41
C GLU A 370 -13.41 5.02 52.59
N PRO A 371 -12.19 5.45 52.93
CA PRO A 371 -12.06 6.35 54.07
C PRO A 371 -12.51 7.72 53.61
N PRO A 372 -12.60 8.68 54.53
CA PRO A 372 -13.02 10.06 54.24
C PRO A 372 -11.82 10.87 53.80
N PHE A 373 -12.06 12.01 53.16
CA PHE A 373 -10.96 12.88 52.77
C PHE A 373 -10.33 13.35 54.07
N GLY A 374 -9.03 13.62 54.07
CA GLY A 374 -8.39 14.05 55.30
C GLY A 374 -8.04 12.90 56.24
N ASP A 375 -7.88 13.21 57.51
CA ASP A 375 -7.54 12.21 58.53
C ASP A 375 -8.64 11.23 58.91
N SER A 376 -8.23 10.06 59.36
CA SER A 376 -9.14 9.03 59.81
C SER A 376 -8.33 7.89 60.38
N TYR A 377 -8.98 7.07 61.21
CA TYR A 377 -8.34 5.91 61.82
C TYR A 377 -9.00 4.63 61.31
N ILE A 378 -8.19 3.63 61.03
CA ILE A 378 -8.72 2.36 60.57
C ILE A 378 -8.65 1.46 61.81
N ILE A 379 -9.79 1.15 62.41
CA ILE A 379 -9.82 0.29 63.62
C ILE A 379 -10.18 -1.16 63.26
N ILE A 380 -9.26 -2.08 63.52
CA ILE A 380 -9.48 -3.50 63.20
C ILE A 380 -9.39 -4.40 64.44
N GLY A 381 -10.39 -5.26 64.61
CA GLY A 381 -10.39 -6.16 65.75
C GLY A 381 -10.97 -5.50 66.98
N VAL A 382 -11.08 -6.25 68.06
CA VAL A 382 -11.64 -5.70 69.29
C VAL A 382 -10.58 -5.47 70.33
N GLU A 383 -10.86 -4.49 71.17
CA GLU A 383 -9.98 -4.06 72.22
C GLU A 383 -8.59 -4.66 72.53
N PRO A 384 -8.53 -5.90 73.08
CA PRO A 384 -7.24 -6.52 73.41
C PRO A 384 -6.31 -6.70 72.19
N GLY A 385 -5.48 -5.67 71.92
CA GLY A 385 -4.57 -5.71 70.78
C GLY A 385 -5.23 -5.20 69.50
N GLN A 386 -6.17 -4.30 69.67
CA GLN A 386 -6.92 -3.75 68.55
C GLN A 386 -6.03 -2.87 67.68
N LEU A 387 -6.05 -3.14 66.38
CA LEU A 387 -5.27 -2.36 65.43
C LEU A 387 -5.90 -0.98 65.24
N LYS A 388 -5.09 0.06 65.41
CA LYS A 388 -5.52 1.45 65.24
C LYS A 388 -4.54 2.07 64.25
N LEU A 389 -4.86 1.99 62.96
CA LEU A 389 -3.99 2.52 61.92
C LEU A 389 -4.47 3.87 61.41
N ASN A 390 -3.57 4.86 61.42
CA ASN A 390 -3.94 6.17 60.97
C ASN A 390 -3.74 6.28 59.45
N TRP A 391 -4.60 7.08 58.82
CA TRP A 391 -4.55 7.24 57.39
C TRP A 391 -4.93 8.66 56.98
N PHE A 392 -4.37 9.14 55.88
CA PHE A 392 -4.72 10.47 55.38
C PHE A 392 -5.04 10.28 53.92
N LYS A 393 -6.17 10.82 53.47
CA LYS A 393 -6.56 10.65 52.08
C LYS A 393 -6.51 11.89 51.18
N LYS A 394 -6.28 11.64 49.89
CA LYS A 394 -6.19 12.65 48.85
C LYS A 394 -5.51 13.90 49.35
N MET B 1 15.82 3.35 -43.38
CA MET B 1 14.41 3.10 -43.72
C MET B 1 13.67 2.55 -42.53
N ARG B 2 14.35 2.58 -41.38
CA ARG B 2 13.82 2.11 -40.10
C ARG B 2 12.56 2.90 -39.74
N CYS B 3 12.55 4.20 -40.05
CA CYS B 3 11.42 5.03 -39.69
C CYS B 3 10.11 4.83 -40.44
N ILE B 4 10.16 4.24 -41.62
CA ILE B 4 8.93 4.05 -42.39
C ILE B 4 7.97 3.09 -41.70
N GLY B 5 6.94 3.65 -41.10
CA GLY B 5 5.98 2.83 -40.40
C GLY B 5 5.66 3.43 -39.06
N ILE B 6 6.62 4.13 -38.47
CA ILE B 6 6.38 4.77 -37.18
C ILE B 6 5.53 6.02 -37.42
N SER B 7 4.58 6.28 -36.52
CA SER B 7 3.71 7.46 -36.69
C SER B 7 4.28 8.74 -36.08
N ASN B 8 5.07 8.59 -35.03
CA ASN B 8 5.67 9.74 -34.42
C ASN B 8 7.00 9.93 -35.14
N ARG B 9 6.90 10.23 -36.43
CA ARG B 9 8.05 10.41 -37.31
C ARG B 9 8.19 11.85 -37.78
N ASP B 10 9.40 12.40 -37.69
CA ASP B 10 9.64 13.77 -38.13
C ASP B 10 10.64 13.85 -39.25
N PHE B 11 10.32 14.65 -40.27
CA PHE B 11 11.18 14.87 -41.43
C PHE B 11 11.96 16.17 -41.23
N VAL B 12 13.29 16.10 -41.30
CA VAL B 12 14.14 17.26 -41.08
C VAL B 12 15.15 17.55 -42.18
N GLU B 13 15.26 18.82 -42.55
CA GLU B 13 16.20 19.31 -43.57
C GLU B 13 17.07 20.44 -43.03
N GLY B 14 18.29 20.53 -43.55
CA GLY B 14 19.20 21.56 -43.08
C GLY B 14 19.14 22.88 -43.82
N VAL B 15 19.90 23.86 -43.33
CA VAL B 15 19.96 25.17 -43.96
C VAL B 15 20.57 24.99 -45.36
N SER B 16 19.86 25.42 -46.40
CA SER B 16 20.36 25.31 -47.77
C SER B 16 21.84 25.73 -47.84
N GLY B 17 22.67 24.86 -48.38
CA GLY B 17 24.09 25.18 -48.49
C GLY B 17 24.92 24.59 -47.38
N GLY B 18 24.47 24.74 -46.14
CA GLY B 18 25.21 24.18 -45.02
C GLY B 18 25.16 22.67 -45.08
N SER B 19 25.95 22.00 -44.24
CA SER B 19 25.96 20.54 -44.23
C SER B 19 25.73 20.07 -42.80
N TRP B 20 25.09 20.93 -42.01
CA TRP B 20 24.76 20.64 -40.62
C TRP B 20 23.26 20.81 -40.38
N VAL B 21 22.65 19.81 -39.76
CA VAL B 21 21.22 19.85 -39.46
C VAL B 21 21.04 19.53 -38.00
N ASP B 22 20.03 20.13 -37.37
CA ASP B 22 19.74 19.82 -35.96
C ASP B 22 18.47 18.98 -35.82
N ILE B 23 18.52 17.95 -35.00
CA ILE B 23 17.38 17.08 -34.81
C ILE B 23 17.10 16.91 -33.33
N VAL B 24 15.91 16.42 -33.00
CA VAL B 24 15.54 16.17 -31.59
C VAL B 24 15.02 14.75 -31.53
N LEU B 25 15.54 13.97 -30.59
CA LEU B 25 15.11 12.56 -30.47
C LEU B 25 14.53 12.26 -29.10
N GLU B 26 13.40 11.57 -29.10
CA GLU B 26 12.81 11.17 -27.83
C GLU B 26 12.34 9.74 -28.01
N HIS B 27 12.35 8.98 -26.93
CA HIS B 27 11.91 7.61 -27.02
C HIS B 27 10.55 7.59 -27.70
N GLY B 28 10.34 6.59 -28.55
CA GLY B 28 9.08 6.48 -29.28
C GLY B 28 9.01 7.38 -30.49
N SER B 29 10.09 8.13 -30.75
CA SER B 29 10.13 9.05 -31.88
C SER B 29 11.11 8.56 -32.96
N CYS B 30 11.02 9.14 -34.15
CA CYS B 30 11.86 8.75 -35.27
C CYS B 30 12.10 9.97 -36.15
N VAL B 31 13.30 10.12 -36.66
CA VAL B 31 13.57 11.27 -37.49
C VAL B 31 14.27 10.92 -38.78
N THR B 32 13.74 11.43 -39.88
CA THR B 32 14.29 11.22 -41.20
C THR B 32 14.97 12.52 -41.67
N THR B 33 16.28 12.48 -41.92
CA THR B 33 17.02 13.67 -42.34
C THR B 33 17.34 13.65 -43.81
N MET B 34 17.36 14.86 -44.38
CA MET B 34 17.67 15.02 -45.80
C MET B 34 18.53 16.23 -46.04
N ALA B 35 19.37 16.15 -47.06
CA ALA B 35 20.23 17.27 -47.41
C ALA B 35 20.73 17.13 -48.85
N LYS B 36 20.83 18.26 -49.53
CA LYS B 36 21.29 18.30 -50.92
C LYS B 36 22.47 17.36 -51.13
N ASN B 37 22.36 16.51 -52.14
CA ASN B 37 23.39 15.54 -52.47
C ASN B 37 23.98 14.79 -51.29
N LYS B 38 23.12 14.39 -50.36
CA LYS B 38 23.52 13.60 -49.21
C LYS B 38 22.46 12.51 -49.08
N PRO B 39 22.84 11.31 -48.60
CA PRO B 39 21.90 10.20 -48.43
C PRO B 39 20.89 10.54 -47.35
N THR B 40 19.67 10.05 -47.50
CA THR B 40 18.65 10.33 -46.49
C THR B 40 18.92 9.35 -45.35
N LEU B 41 18.87 9.87 -44.12
CA LEU B 41 19.14 9.08 -42.93
C LEU B 41 18.01 9.03 -41.92
N ASP B 42 17.81 7.87 -41.28
CA ASP B 42 16.77 7.73 -40.24
C ASP B 42 17.46 7.61 -38.88
N PHE B 43 16.91 8.30 -37.89
CA PHE B 43 17.47 8.32 -36.56
C PHE B 43 16.47 7.95 -35.50
N GLU B 44 16.87 7.03 -34.61
CA GLU B 44 16.00 6.61 -33.52
C GLU B 44 16.79 6.39 -32.23
N LEU B 45 16.31 7.01 -31.15
CA LEU B 45 16.91 6.87 -29.83
C LEU B 45 16.41 5.54 -29.25
N ILE B 46 17.32 4.57 -29.13
CA ILE B 46 17.02 3.21 -28.63
C ILE B 46 17.11 3.05 -27.11
N LYS B 47 17.96 3.85 -26.46
CA LYS B 47 18.10 3.70 -25.02
C LYS B 47 18.72 4.90 -24.32
N THR B 48 18.39 5.05 -23.05
CA THR B 48 18.94 6.12 -22.24
C THR B 48 19.41 5.47 -20.96
N GLU B 49 20.72 5.41 -20.76
CA GLU B 49 21.26 4.80 -19.56
C GLU B 49 21.98 5.81 -18.66
N ALA B 50 21.61 5.82 -17.39
CA ALA B 50 22.23 6.70 -16.41
C ALA B 50 23.30 5.88 -15.69
N LYS B 51 24.56 6.27 -15.87
CA LYS B 51 25.65 5.53 -15.29
C LYS B 51 25.89 5.89 -13.86
N GLN B 52 25.61 4.88 -13.06
CA GLN B 52 25.77 4.97 -11.65
C GLN B 52 25.48 6.34 -11.05
N PRO B 53 24.19 6.61 -10.77
CA PRO B 53 23.79 7.88 -10.18
C PRO B 53 23.95 7.81 -8.68
N ALA B 54 23.78 8.94 -8.03
CA ALA B 54 23.90 9.02 -6.60
C ALA B 54 22.56 8.73 -5.93
N THR B 55 22.60 7.89 -4.91
CA THR B 55 21.40 7.56 -4.17
C THR B 55 21.20 8.65 -3.11
N LEU B 56 20.19 9.49 -3.30
CA LEU B 56 19.91 10.57 -2.38
C LEU B 56 19.36 10.00 -1.05
N ARG B 57 18.43 9.06 -1.17
CA ARG B 57 17.83 8.46 0.01
C ARG B 57 17.11 7.17 -0.31
N LYS B 58 16.95 6.34 0.70
CA LYS B 58 16.32 5.04 0.52
C LYS B 58 15.14 4.91 1.51
N TYR B 59 13.95 4.67 0.99
CA TYR B 59 12.75 4.54 1.83
C TYR B 59 12.28 3.10 1.97
N CYS B 60 11.71 2.78 3.13
CA CYS B 60 11.17 1.44 3.38
C CYS B 60 9.67 1.60 3.11
N ILE B 61 9.07 0.64 2.39
CA ILE B 61 7.63 0.74 2.07
C ILE B 61 6.83 -0.42 2.61
N GLU B 62 7.53 -1.45 3.09
CA GLU B 62 6.87 -2.59 3.68
C GLU B 62 7.83 -3.17 4.72
N ALA B 63 7.35 -3.33 5.97
CA ALA B 63 8.18 -3.85 7.04
C ALA B 63 7.54 -4.98 7.83
N LYS B 64 8.33 -5.56 8.73
CA LYS B 64 7.89 -6.65 9.59
C LYS B 64 8.42 -6.38 11.01
N LEU B 65 7.62 -6.67 12.03
CA LEU B 65 8.01 -6.50 13.42
C LEU B 65 8.20 -7.88 14.03
N THR B 66 9.23 -8.03 14.88
CA THR B 66 9.54 -9.31 15.52
C THR B 66 10.28 -9.06 16.84
N ASN B 67 10.56 -10.13 17.56
CA ASN B 67 11.29 -10.03 18.81
C ASN B 67 10.79 -8.93 19.73
N THR B 68 9.49 -8.88 19.95
CA THR B 68 8.94 -7.85 20.82
C THR B 68 9.36 -8.14 22.23
N THR B 69 9.84 -7.13 22.93
CA THR B 69 10.26 -7.33 24.31
C THR B 69 9.76 -6.13 25.07
N THR B 70 9.64 -6.27 26.37
CA THR B 70 9.09 -5.19 27.15
C THR B 70 9.63 -5.26 28.59
N GLU B 71 9.62 -4.12 29.28
CA GLU B 71 10.09 -4.00 30.66
C GLU B 71 9.15 -3.03 31.36
N SER B 72 8.95 -3.18 32.66
CA SER B 72 8.04 -2.29 33.37
C SER B 72 8.46 -2.08 34.80
N ARG B 73 8.10 -0.94 35.36
CA ARG B 73 8.37 -0.68 36.77
C ARG B 73 7.10 -0.42 37.52
N CYS B 74 7.23 -0.38 38.84
CA CYS B 74 6.10 -0.11 39.71
C CYS B 74 5.95 1.39 39.93
N PRO B 75 4.81 1.80 40.43
CA PRO B 75 4.62 3.22 40.66
C PRO B 75 5.76 3.69 41.54
N THR B 76 6.27 4.88 41.28
CA THR B 76 7.37 5.49 42.04
C THR B 76 8.72 4.77 41.89
N GLN B 77 8.82 3.83 40.96
CA GLN B 77 10.08 3.13 40.78
C GLN B 77 10.81 3.57 39.52
N GLY B 78 10.40 4.71 38.98
CA GLY B 78 11.08 5.21 37.79
C GLY B 78 10.80 4.50 36.50
N GLU B 79 11.57 4.84 35.47
CA GLU B 79 11.38 4.23 34.16
C GLU B 79 12.00 2.85 33.96
N PRO B 80 11.37 2.02 33.15
CA PRO B 80 11.83 0.66 32.83
C PRO B 80 12.97 0.81 31.83
N THR B 81 13.65 -0.29 31.52
CA THR B 81 14.78 -0.19 30.59
C THR B 81 14.89 -1.43 29.78
N LEU B 82 15.30 -1.28 28.52
CA LEU B 82 15.53 -2.42 27.68
C LEU B 82 16.81 -2.11 26.92
N ASN B 83 17.67 -3.10 26.70
CA ASN B 83 18.88 -2.80 25.96
C ASN B 83 18.52 -2.47 24.53
N GLU B 84 17.42 -3.05 24.05
CA GLU B 84 16.95 -2.77 22.68
C GLU B 84 16.65 -1.24 22.45
N GLU B 85 16.48 -0.48 23.53
CA GLU B 85 16.34 0.97 23.33
C GLU B 85 17.58 1.53 22.58
N GLN B 86 18.71 0.81 22.60
CA GLN B 86 19.91 1.27 21.89
C GLN B 86 20.18 0.52 20.62
N ASP B 87 19.52 -0.62 20.44
CA ASP B 87 19.74 -1.33 19.19
C ASP B 87 18.93 -0.62 18.08
N LYS B 88 19.66 0.07 17.21
CA LYS B 88 19.09 0.82 16.10
C LYS B 88 18.20 0.03 15.15
N ARG B 89 18.07 -1.26 15.35
CA ARG B 89 17.21 -2.02 14.46
C ARG B 89 15.81 -2.04 15.09
N PHE B 90 15.72 -1.71 16.38
CA PHE B 90 14.46 -1.77 17.08
C PHE B 90 13.75 -0.44 17.19
N VAL B 91 12.41 -0.51 17.22
CA VAL B 91 11.58 0.67 17.42
C VAL B 91 11.00 0.51 18.83
N CYS B 92 10.96 1.59 19.61
CA CYS B 92 10.46 1.51 21.00
C CYS B 92 9.59 2.69 21.40
N LYS B 93 8.81 2.49 22.46
CA LYS B 93 7.98 3.56 22.96
C LYS B 93 7.76 3.29 24.44
N HIS B 94 7.82 4.33 25.26
CA HIS B 94 7.58 4.28 26.69
C HIS B 94 6.11 4.62 26.92
N SER B 95 5.56 4.24 28.08
CA SER B 95 4.16 4.53 28.34
C SER B 95 3.84 4.13 29.75
N MET B 96 2.57 4.27 30.15
CA MET B 96 2.15 3.87 31.50
C MET B 96 1.06 2.81 31.40
N VAL B 97 0.93 1.98 32.44
CA VAL B 97 -0.10 0.98 32.55
C VAL B 97 -0.43 0.95 34.02
N ASP B 98 -1.62 0.48 34.37
CA ASP B 98 -2.06 0.42 35.77
C ASP B 98 -1.35 -0.70 36.50
N ARG B 99 -1.04 -0.47 37.75
CA ARG B 99 -0.37 -1.50 38.53
C ARG B 99 -0.98 -1.54 39.93
N GLY B 100 -0.72 -2.64 40.63
CA GLY B 100 -1.23 -2.83 41.99
C GLY B 100 -1.09 -4.29 42.38
N TRP B 101 -1.56 -4.64 43.56
CA TRP B 101 -1.46 -6.00 44.05
C TRP B 101 -1.66 -7.11 43.01
N GLY B 102 -2.79 -7.10 42.31
CA GLY B 102 -3.09 -8.14 41.34
C GLY B 102 -2.07 -8.37 40.24
N ASN B 103 -1.17 -7.42 40.01
CA ASN B 103 -0.15 -7.62 38.99
C ASN B 103 1.28 -7.27 39.42
N GLY B 104 1.55 -7.55 40.68
CA GLY B 104 2.89 -7.40 41.22
C GLY B 104 3.37 -6.20 42.01
N CYS B 105 2.58 -5.15 42.18
CA CYS B 105 3.15 -4.04 42.91
C CYS B 105 2.50 -3.82 44.23
N GLY B 106 3.26 -3.24 45.15
CA GLY B 106 2.76 -3.01 46.48
C GLY B 106 1.90 -1.78 46.57
N LEU B 107 1.99 -0.93 45.55
CA LEU B 107 1.24 0.32 45.46
C LEU B 107 0.36 0.31 44.25
N PHE B 108 -0.77 1.02 44.29
CA PHE B 108 -1.63 1.08 43.11
C PHE B 108 -1.27 2.41 42.47
N GLY B 109 -1.12 2.40 41.16
CA GLY B 109 -0.78 3.63 40.49
C GLY B 109 -0.45 3.36 39.06
N LYS B 110 0.13 4.37 38.41
CA LYS B 110 0.55 4.23 37.02
C LYS B 110 2.03 3.89 37.07
N GLY B 111 2.42 2.83 36.36
CA GLY B 111 3.81 2.45 36.34
C GLY B 111 4.33 2.52 34.94
N GLY B 112 5.63 2.82 34.82
CA GLY B 112 6.23 2.94 33.49
C GLY B 112 6.33 1.56 32.80
N ILE B 113 6.27 1.56 31.48
CA ILE B 113 6.37 0.34 30.73
C ILE B 113 7.10 0.85 29.49
N VAL B 114 7.87 -0.02 28.82
CA VAL B 114 8.55 0.38 27.60
C VAL B 114 8.46 -0.86 26.75
N THR B 115 8.28 -0.67 25.46
CA THR B 115 8.10 -1.80 24.55
C THR B 115 8.98 -1.61 23.35
N CYS B 116 9.64 -2.69 22.90
CA CYS B 116 10.51 -2.58 21.72
C CYS B 116 10.28 -3.74 20.82
N ALA B 117 10.52 -3.53 19.55
CA ALA B 117 10.30 -4.61 18.60
C ALA B 117 11.27 -4.38 17.48
N MET B 118 11.76 -5.48 16.92
CA MET B 118 12.73 -5.41 15.84
C MET B 118 12.01 -5.12 14.52
N PHE B 119 12.45 -4.06 13.87
CA PHE B 119 11.90 -3.61 12.61
C PHE B 119 12.75 -4.03 11.42
N THR B 120 12.19 -4.86 10.54
CA THR B 120 12.93 -5.36 9.39
C THR B 120 12.25 -5.01 8.10
N CYS B 121 12.94 -4.27 7.23
CA CYS B 121 12.35 -3.86 5.98
C CYS B 121 12.29 -5.03 5.02
N LYS B 122 11.20 -5.13 4.26
CA LYS B 122 10.99 -6.22 3.30
C LYS B 122 10.96 -5.71 1.86
N LYS B 123 10.70 -4.43 1.69
CA LYS B 123 10.66 -3.88 0.35
C LYS B 123 11.00 -2.39 0.49
N ASN B 124 11.73 -1.84 -0.47
CA ASN B 124 12.11 -0.43 -0.34
C ASN B 124 12.22 0.24 -1.69
N MET B 125 12.20 1.57 -1.70
CA MET B 125 12.33 2.30 -2.96
C MET B 125 13.45 3.31 -2.83
N GLU B 126 14.12 3.62 -3.94
CA GLU B 126 15.24 4.56 -3.90
C GLU B 126 15.07 5.82 -4.72
N GLY B 127 15.64 6.90 -4.21
CA GLY B 127 15.61 8.14 -4.94
C GLY B 127 17.03 8.39 -5.43
N LYS B 128 17.22 8.61 -6.72
CA LYS B 128 18.54 8.86 -7.24
C LYS B 128 18.65 10.19 -7.94
N ILE B 129 19.86 10.72 -7.95
CA ILE B 129 20.17 12.00 -8.56
C ILE B 129 20.84 11.78 -9.90
N VAL B 130 20.23 12.30 -10.96
CA VAL B 130 20.80 12.15 -12.26
C VAL B 130 21.42 13.46 -12.73
N GLN B 131 22.67 13.38 -13.16
CA GLN B 131 23.33 14.57 -13.66
C GLN B 131 23.42 14.48 -15.16
N PRO B 132 22.87 15.50 -15.80
CA PRO B 132 22.87 15.56 -17.26
C PRO B 132 24.22 15.11 -17.82
N GLU B 133 25.29 15.60 -17.21
CA GLU B 133 26.66 15.28 -17.60
C GLU B 133 26.87 13.79 -17.86
N ASN B 134 26.38 12.94 -16.97
CA ASN B 134 26.56 11.51 -17.11
C ASN B 134 25.32 10.70 -17.42
N LEU B 135 24.86 10.84 -18.67
CA LEU B 135 23.72 10.13 -19.22
C LEU B 135 24.16 9.65 -20.58
N GLU B 136 24.21 8.33 -20.77
CA GLU B 136 24.62 7.76 -22.04
C GLU B 136 23.41 7.42 -22.91
N TYR B 137 23.44 7.81 -24.18
CA TYR B 137 22.33 7.53 -25.10
C TYR B 137 22.75 6.63 -26.26
N THR B 138 21.93 5.64 -26.56
CA THR B 138 22.24 4.74 -27.67
C THR B 138 21.32 5.14 -28.83
N VAL B 139 21.91 5.46 -29.97
CA VAL B 139 21.14 5.87 -31.13
C VAL B 139 21.45 5.02 -32.36
N VAL B 140 20.42 4.66 -33.09
CA VAL B 140 20.61 3.86 -34.29
C VAL B 140 20.37 4.75 -35.50
N ILE B 141 21.33 4.73 -36.43
CA ILE B 141 21.33 5.50 -37.66
C ILE B 141 21.12 4.52 -38.81
N THR B 142 20.03 4.67 -39.55
CA THR B 142 19.75 3.77 -40.67
C THR B 142 19.51 4.64 -41.88
N PRO B 143 20.37 4.50 -42.90
CA PRO B 143 20.26 5.28 -44.12
C PRO B 143 19.28 4.66 -45.12
N HIS B 144 18.75 5.49 -46.01
CA HIS B 144 17.82 5.00 -47.00
C HIS B 144 18.58 4.32 -48.13
N SER B 145 18.84 3.03 -47.95
CA SER B 145 19.57 2.25 -48.93
C SER B 145 18.63 1.67 -49.96
N GLY B 146 17.36 1.54 -49.60
CA GLY B 146 16.39 0.98 -50.53
C GLY B 146 16.49 -0.53 -50.49
N GLU B 147 17.34 -1.02 -49.60
CA GLU B 147 17.55 -2.45 -49.44
C GLU B 147 16.25 -3.26 -49.25
N GLU B 148 16.16 -4.37 -49.99
CA GLU B 148 14.98 -5.23 -49.97
C GLU B 148 14.25 -5.38 -48.64
N HIS B 149 15.00 -5.58 -47.56
CA HIS B 149 14.34 -5.76 -46.27
C HIS B 149 14.44 -4.63 -45.27
N ALA B 150 14.86 -3.45 -45.71
CA ALA B 150 15.02 -2.35 -44.77
C ALA B 150 13.80 -1.53 -44.36
N VAL B 151 12.74 -1.53 -45.17
CA VAL B 151 11.59 -0.70 -44.81
C VAL B 151 11.00 -1.09 -43.49
N GLY B 152 11.11 -0.15 -42.55
CA GLY B 152 10.55 -0.37 -41.23
C GLY B 152 11.16 -1.49 -40.43
N ASN B 153 12.33 -1.99 -40.86
CA ASN B 153 13.02 -3.08 -40.16
C ASN B 153 13.62 -2.59 -38.84
N ASP B 154 13.13 -3.14 -37.73
CA ASP B 154 13.59 -2.73 -36.40
C ASP B 154 14.68 -3.63 -35.81
N THR B 155 15.06 -4.65 -36.55
CA THR B 155 16.09 -5.57 -36.14
C THR B 155 17.37 -4.84 -35.74
N GLY B 156 17.58 -3.65 -36.29
CA GLY B 156 18.77 -2.89 -35.96
C GLY B 156 19.99 -3.33 -36.75
N LYS B 157 19.83 -4.40 -37.51
CA LYS B 157 20.93 -4.89 -38.33
C LYS B 157 20.88 -4.35 -39.75
N HIS B 158 20.55 -3.06 -39.85
CA HIS B 158 20.50 -2.33 -41.11
C HIS B 158 21.07 -0.99 -40.71
N GLY B 159 20.96 -0.70 -39.41
CA GLY B 159 21.44 0.56 -38.90
C GLY B 159 22.77 0.39 -38.20
N LYS B 160 23.30 1.50 -37.72
CA LYS B 160 24.57 1.56 -37.04
C LYS B 160 24.35 2.20 -35.65
N GLU B 161 24.61 1.43 -34.59
CA GLU B 161 24.43 1.96 -33.25
C GLU B 161 25.63 2.77 -32.81
N VAL B 162 25.38 3.88 -32.14
CA VAL B 162 26.43 4.75 -31.66
C VAL B 162 26.06 5.10 -30.23
N LYS B 163 27.05 5.19 -29.34
CA LYS B 163 26.79 5.55 -27.95
C LYS B 163 27.20 7.01 -27.84
N ILE B 164 26.40 7.82 -27.17
CA ILE B 164 26.73 9.23 -27.06
C ILE B 164 26.71 9.71 -25.63
N THR B 165 27.71 10.50 -25.28
CA THR B 165 27.78 11.08 -23.95
C THR B 165 27.92 12.59 -24.07
N PRO B 166 26.82 13.28 -23.84
CA PRO B 166 26.55 14.71 -23.85
C PRO B 166 27.71 15.71 -23.78
N GLN B 167 28.46 15.62 -22.68
CA GLN B 167 29.60 16.49 -22.46
C GLN B 167 30.85 15.64 -22.53
N SER B 168 31.08 15.03 -23.69
CA SER B 168 32.26 14.20 -23.93
C SER B 168 32.66 14.43 -25.38
N SER B 169 32.51 15.68 -25.80
CA SER B 169 32.84 16.14 -27.15
C SER B 169 31.98 15.53 -28.25
N ILE B 170 32.47 15.63 -29.48
CA ILE B 170 31.79 15.12 -30.67
C ILE B 170 31.90 13.60 -30.79
N THR B 171 30.93 12.99 -31.45
CA THR B 171 30.91 11.54 -31.63
C THR B 171 30.93 11.24 -33.13
N GLU B 172 31.79 10.32 -33.55
CA GLU B 172 31.89 9.97 -34.96
C GLU B 172 31.22 8.65 -35.31
N ALA B 173 30.44 8.67 -36.38
CA ALA B 173 29.73 7.49 -36.84
C ALA B 173 30.09 7.17 -38.28
N GLU B 174 30.49 5.93 -38.49
CA GLU B 174 30.89 5.46 -39.80
C GLU B 174 29.77 4.68 -40.45
N LEU B 175 29.18 5.24 -41.49
CA LEU B 175 28.09 4.56 -42.17
C LEU B 175 28.65 3.83 -43.37
N THR B 176 28.83 2.52 -43.20
CA THR B 176 29.38 1.69 -44.27
C THR B 176 28.93 2.09 -45.67
N GLY B 177 29.90 2.45 -46.51
CA GLY B 177 29.59 2.83 -47.88
C GLY B 177 29.13 4.24 -48.16
N TYR B 178 28.75 4.98 -47.13
CA TYR B 178 28.26 6.34 -47.33
C TYR B 178 29.22 7.41 -46.82
N GLY B 179 30.24 6.98 -46.06
CA GLY B 179 31.18 7.94 -45.51
C GLY B 179 31.04 7.96 -44.00
N THR B 180 31.10 9.16 -43.41
CA THR B 180 31.00 9.26 -41.97
C THR B 180 30.28 10.52 -41.53
N VAL B 181 29.44 10.37 -40.52
CA VAL B 181 28.67 11.49 -40.01
C VAL B 181 29.10 11.85 -38.59
N THR B 182 28.80 13.07 -38.19
CA THR B 182 29.18 13.52 -36.87
C THR B 182 28.05 14.15 -36.09
N MET B 183 27.94 13.75 -34.82
CA MET B 183 26.90 14.21 -33.93
C MET B 183 27.44 14.94 -32.71
N GLU B 184 26.91 16.12 -32.44
CA GLU B 184 27.30 16.90 -31.28
C GLU B 184 26.01 17.09 -30.50
N CYS B 185 25.79 16.28 -29.47
CA CYS B 185 24.57 16.37 -28.71
C CYS B 185 24.59 17.15 -27.41
N SER B 186 23.46 17.80 -27.13
CA SER B 186 23.30 18.62 -25.93
C SER B 186 22.31 18.09 -24.88
N PRO B 187 22.83 17.81 -23.69
CA PRO B 187 22.05 17.33 -22.56
C PRO B 187 21.06 18.37 -22.12
N ARG B 188 21.62 19.55 -21.82
CA ARG B 188 20.89 20.69 -21.30
C ARG B 188 19.40 20.82 -21.59
N THR B 189 18.68 20.45 -20.54
CA THR B 189 17.23 20.46 -20.38
C THR B 189 16.22 19.55 -21.07
N GLY B 190 15.03 19.77 -20.54
CA GLY B 190 13.80 19.09 -20.84
C GLY B 190 13.25 19.47 -19.48
N LEU B 191 14.12 19.29 -18.47
CA LEU B 191 13.87 19.63 -17.05
C LEU B 191 15.18 19.75 -16.25
N ASP B 192 15.11 20.39 -15.08
CA ASP B 192 16.27 20.60 -14.20
C ASP B 192 16.59 19.41 -13.28
N PHE B 193 17.64 18.66 -13.64
CA PHE B 193 18.03 17.51 -12.86
C PHE B 193 18.57 17.83 -11.46
N ASN B 194 18.48 19.09 -11.03
CA ASN B 194 18.95 19.48 -9.69
C ASN B 194 17.84 19.39 -8.66
N GLU B 195 16.67 19.90 -9.02
CA GLU B 195 15.49 19.90 -8.15
C GLU B 195 14.56 18.72 -8.43
N MET B 196 15.04 17.74 -9.18
CA MET B 196 14.25 16.55 -9.48
C MET B 196 15.02 15.30 -9.02
N VAL B 197 14.26 14.25 -8.69
CA VAL B 197 14.83 13.00 -8.25
C VAL B 197 14.27 11.84 -9.05
N LEU B 198 15.13 10.91 -9.42
CA LEU B 198 14.68 9.72 -10.14
C LEU B 198 14.30 8.68 -9.11
N LEU B 199 13.02 8.32 -9.03
CA LEU B 199 12.57 7.36 -8.03
C LEU B 199 12.32 6.01 -8.65
N GLN B 200 12.87 4.97 -8.05
CA GLN B 200 12.73 3.61 -8.57
C GLN B 200 12.08 2.68 -7.58
N MET B 201 11.05 1.97 -8.01
CA MET B 201 10.35 0.98 -7.18
C MET B 201 10.30 -0.22 -8.10
N LYS B 202 11.33 -1.06 -8.01
CA LYS B 202 11.45 -2.24 -8.86
C LYS B 202 11.56 -1.76 -10.31
N ASP B 203 10.81 -2.36 -11.25
CA ASP B 203 10.93 -1.94 -12.64
C ASP B 203 10.19 -0.65 -12.99
N LYS B 204 9.49 -0.07 -12.02
CA LYS B 204 8.76 1.17 -12.24
C LYS B 204 9.68 2.34 -11.89
N ALA B 205 9.51 3.48 -12.58
CA ALA B 205 10.36 4.65 -12.32
C ALA B 205 9.77 5.99 -12.75
N TRP B 206 9.92 6.99 -11.89
CA TRP B 206 9.42 8.34 -12.14
C TRP B 206 10.47 9.42 -11.86
N LEU B 207 10.16 10.64 -12.30
CA LEU B 207 11.03 11.75 -12.03
C LEU B 207 10.14 12.63 -11.14
N VAL B 208 10.59 12.93 -9.93
CA VAL B 208 9.79 13.73 -9.01
C VAL B 208 10.57 14.85 -8.39
N HIS B 209 9.86 15.80 -7.79
CA HIS B 209 10.48 16.95 -7.12
C HIS B 209 11.22 16.57 -5.85
N ARG B 210 12.44 17.09 -5.69
CA ARG B 210 13.27 16.81 -4.52
C ARG B 210 12.51 16.99 -3.22
N GLN B 211 11.95 18.19 -3.02
CA GLN B 211 11.19 18.49 -1.81
C GLN B 211 10.14 17.43 -1.50
N TRP B 212 9.25 17.19 -2.45
CA TRP B 212 8.18 16.22 -2.28
C TRP B 212 8.77 14.87 -1.83
N PHE B 213 9.79 14.41 -2.54
CA PHE B 213 10.49 13.15 -2.22
C PHE B 213 11.05 13.14 -0.80
N LEU B 214 11.74 14.22 -0.43
CA LEU B 214 12.31 14.28 0.90
C LEU B 214 11.25 14.36 1.99
N ASP B 215 10.04 14.78 1.65
CA ASP B 215 8.98 14.86 2.66
C ASP B 215 8.10 13.63 2.81
N LEU B 216 8.38 12.58 2.03
CA LEU B 216 7.60 11.34 2.18
C LEU B 216 7.68 10.80 3.61
N PRO B 217 6.53 10.59 4.24
CA PRO B 217 6.45 10.08 5.61
C PRO B 217 6.69 8.59 5.67
N LEU B 218 7.89 8.18 5.31
CA LEU B 218 8.26 6.78 5.38
C LEU B 218 9.58 6.64 6.13
N PRO B 219 9.94 5.41 6.50
CA PRO B 219 11.19 5.19 7.22
C PRO B 219 12.30 5.28 6.18
N TRP B 220 13.43 5.85 6.54
CA TRP B 220 14.50 5.94 5.54
C TRP B 220 15.95 5.65 6.01
N LEU B 221 16.85 5.68 5.03
CA LEU B 221 18.27 5.47 5.24
C LEU B 221 18.94 6.48 4.34
N PRO B 222 20.06 7.07 4.79
CA PRO B 222 20.78 8.06 3.98
C PRO B 222 21.28 7.35 2.76
N GLY B 223 21.47 8.11 1.68
CA GLY B 223 21.93 7.53 0.44
C GLY B 223 23.15 6.62 0.55
N ALA B 224 24.13 7.07 1.34
CA ALA B 224 25.36 6.33 1.55
C ALA B 224 25.23 4.95 2.23
N ASP B 225 24.16 4.76 3.02
CA ASP B 225 23.97 3.51 3.76
C ASP B 225 24.16 2.18 3.02
N THR B 226 24.79 1.24 3.73
CA THR B 226 25.07 -0.09 3.21
C THR B 226 24.35 -1.15 4.01
N GLN B 227 24.47 -1.11 5.34
CA GLN B 227 23.83 -2.11 6.20
C GLN B 227 22.36 -2.34 5.85
N GLY B 228 21.61 -1.26 5.63
CA GLY B 228 20.20 -1.40 5.28
C GLY B 228 19.31 -1.89 6.42
N SER B 229 19.63 -1.51 7.66
CA SER B 229 18.82 -1.94 8.80
C SER B 229 18.60 -0.86 9.85
N ASN B 230 19.37 0.21 9.82
CA ASN B 230 19.21 1.22 10.85
C ASN B 230 18.32 2.35 10.42
N TRP B 231 17.11 1.99 9.99
CA TRP B 231 16.12 2.94 9.50
C TRP B 231 15.77 4.11 10.41
N ILE B 232 15.75 5.31 9.83
CA ILE B 232 15.41 6.51 10.60
C ILE B 232 13.91 6.69 10.52
N GLN B 233 13.30 7.16 11.61
CA GLN B 233 11.86 7.36 11.64
C GLN B 233 11.00 6.11 11.38
N LYS B 234 11.35 5.01 12.02
CA LYS B 234 10.60 3.76 11.87
C LYS B 234 9.14 3.97 12.33
N GLU B 235 8.94 4.87 13.27
CA GLU B 235 7.62 5.18 13.82
C GLU B 235 6.58 5.50 12.75
N THR B 236 7.02 5.89 11.58
CA THR B 236 6.08 6.21 10.55
C THR B 236 5.36 5.00 9.97
N LEU B 237 5.88 3.78 10.16
CA LEU B 237 5.22 2.55 9.66
C LEU B 237 4.86 1.68 10.84
N VAL B 238 4.72 2.30 11.98
CA VAL B 238 4.48 1.52 13.16
C VAL B 238 3.43 2.19 13.99
N THR B 239 2.73 1.40 14.79
CA THR B 239 1.70 1.99 15.64
C THR B 239 1.69 1.34 17.03
N PHE B 240 1.82 2.19 18.04
CA PHE B 240 1.81 1.74 19.43
C PHE B 240 0.43 2.07 20.01
N LYS B 241 -0.18 1.09 20.67
CA LYS B 241 -1.48 1.28 21.28
C LYS B 241 -1.53 0.86 22.74
N ASN B 242 -2.07 1.74 23.58
CA ASN B 242 -2.25 1.50 25.00
C ASN B 242 -3.57 2.21 25.36
N PRO B 243 -4.68 1.66 24.85
CA PRO B 243 -6.06 2.14 25.02
C PRO B 243 -6.68 2.07 26.42
N HIS B 244 -6.37 1.02 27.17
CA HIS B 244 -6.96 0.83 28.47
C HIS B 244 -5.97 0.86 29.63
N ALA B 245 -4.74 1.29 29.36
CA ALA B 245 -3.72 1.34 30.40
C ALA B 245 -3.46 -0.07 31.00
N LYS B 246 -3.67 -1.13 30.22
CA LYS B 246 -3.40 -2.45 30.74
C LYS B 246 -2.08 -2.97 30.20
N LYS B 247 -1.88 -2.78 28.90
CA LYS B 247 -0.68 -3.23 28.28
C LYS B 247 -0.48 -2.44 26.99
N GLN B 248 0.72 -2.52 26.43
CA GLN B 248 1.02 -1.78 25.22
C GLN B 248 1.33 -2.67 24.03
N ASP B 249 0.77 -2.35 22.87
CA ASP B 249 1.03 -3.16 21.69
C ASP B 249 1.62 -2.40 20.51
N VAL B 250 2.27 -3.14 19.61
CA VAL B 250 2.87 -2.55 18.42
C VAL B 250 2.53 -3.35 17.21
N VAL B 251 2.10 -2.65 16.17
CA VAL B 251 1.76 -3.36 14.95
C VAL B 251 2.27 -2.59 13.72
N VAL B 252 2.77 -3.35 12.74
CA VAL B 252 3.27 -2.76 11.50
C VAL B 252 2.16 -2.04 10.76
N LEU B 253 2.51 -1.08 9.92
CA LEU B 253 1.50 -0.35 9.21
C LEU B 253 1.14 -0.84 7.81
N GLY B 254 1.74 -1.92 7.31
CA GLY B 254 1.32 -2.38 5.96
C GLY B 254 1.91 -1.72 4.71
N SER B 255 2.21 -2.56 3.73
CA SER B 255 2.83 -2.07 2.48
C SER B 255 2.27 -0.75 1.96
N GLN B 256 3.15 0.15 1.55
CA GLN B 256 2.76 1.46 1.04
C GLN B 256 2.99 1.50 -0.45
N GLU B 257 3.34 0.33 -1.00
CA GLU B 257 3.60 0.22 -2.41
C GLU B 257 2.49 0.92 -3.25
N GLY B 258 1.25 0.46 -3.13
CA GLY B 258 0.16 1.08 -3.84
C GLY B 258 -0.08 2.56 -3.50
N ALA B 259 -0.08 2.90 -2.22
CA ALA B 259 -0.27 4.29 -1.85
C ALA B 259 0.74 5.14 -2.62
N MET B 260 1.97 4.65 -2.75
CA MET B 260 3.00 5.38 -3.48
C MET B 260 2.59 5.52 -4.93
N HIS B 261 2.27 4.39 -5.56
CA HIS B 261 1.83 4.42 -6.94
C HIS B 261 0.73 5.48 -7.09
N THR B 262 -0.24 5.45 -6.19
CA THR B 262 -1.34 6.41 -6.24
C THR B 262 -0.89 7.85 -6.09
N ALA B 263 0.12 8.10 -5.25
CA ALA B 263 0.57 9.46 -5.05
C ALA B 263 1.44 9.92 -6.24
N LEU B 264 1.95 8.97 -6.99
CA LEU B 264 2.80 9.25 -8.15
C LEU B 264 2.01 9.36 -9.44
N THR B 265 0.69 9.37 -9.33
CA THR B 265 -0.16 9.45 -10.50
C THR B 265 0.17 10.62 -11.42
N GLY B 266 0.27 11.82 -10.85
CA GLY B 266 0.60 12.96 -11.70
C GLY B 266 2.08 13.17 -12.03
N ALA B 267 2.95 12.28 -11.56
CA ALA B 267 4.37 12.45 -11.83
C ALA B 267 4.83 11.88 -13.18
N THR B 268 5.93 12.44 -13.70
CA THR B 268 6.51 11.99 -14.97
C THR B 268 7.03 10.55 -14.89
N GLU B 269 6.49 9.68 -15.74
CA GLU B 269 6.85 8.29 -15.76
C GLU B 269 8.05 8.01 -16.65
N ILE B 270 8.97 7.15 -16.22
CA ILE B 270 10.15 6.82 -17.02
C ILE B 270 10.01 5.46 -17.63
N GLN B 271 9.55 4.49 -16.84
CA GLN B 271 9.32 3.15 -17.36
C GLN B 271 8.46 2.31 -16.40
N MET B 272 7.61 1.44 -16.95
CA MET B 272 6.76 0.57 -16.13
C MET B 272 7.27 -0.86 -16.21
N SER B 273 7.93 -1.17 -17.31
CA SER B 273 8.47 -2.51 -17.55
C SER B 273 10.00 -2.44 -17.57
N SER B 274 10.65 -3.58 -17.31
CA SER B 274 12.11 -3.67 -17.28
C SER B 274 12.82 -2.96 -18.44
N GLY B 275 12.39 -3.26 -19.67
CA GLY B 275 13.01 -2.64 -20.83
C GLY B 275 12.07 -1.86 -21.74
N ASN B 276 11.21 -1.04 -21.13
CA ASN B 276 10.26 -0.23 -21.87
C ASN B 276 10.35 1.24 -21.47
N LEU B 277 11.47 1.88 -21.79
CA LEU B 277 11.63 3.29 -21.46
C LEU B 277 10.48 4.04 -22.14
N LEU B 278 9.69 4.76 -21.35
CA LEU B 278 8.55 5.52 -21.85
C LEU B 278 8.99 6.92 -22.23
N PHE B 279 9.49 7.66 -21.26
CA PHE B 279 9.94 9.02 -21.55
C PHE B 279 11.39 9.16 -21.07
N THR B 280 12.11 10.20 -21.49
CA THR B 280 13.51 10.39 -21.09
C THR B 280 13.97 11.83 -21.35
N GLY B 281 13.11 12.64 -21.93
CA GLY B 281 13.48 14.00 -22.25
C GLY B 281 13.83 14.07 -23.72
N HIS B 282 14.11 15.28 -24.21
CA HIS B 282 14.42 15.48 -25.61
C HIS B 282 15.89 15.68 -25.86
N LEU B 283 16.49 14.73 -26.57
CA LEU B 283 17.91 14.74 -26.90
C LEU B 283 18.16 15.52 -28.20
N LYS B 284 18.92 16.63 -28.10
CA LYS B 284 19.23 17.45 -29.28
C LYS B 284 20.62 17.18 -29.84
N CYS B 285 20.72 16.85 -31.12
CA CYS B 285 22.00 16.58 -31.72
C CYS B 285 22.22 17.37 -33.00
N ARG B 286 23.44 17.86 -33.20
CA ARG B 286 23.77 18.61 -34.39
C ARG B 286 24.54 17.67 -35.30
N LEU B 287 24.00 17.43 -36.49
CA LEU B 287 24.60 16.51 -37.45
C LEU B 287 25.47 17.14 -38.50
N ARG B 288 26.73 16.72 -38.58
CA ARG B 288 27.65 17.23 -39.58
C ARG B 288 27.72 16.19 -40.70
N MET B 289 27.59 16.64 -41.95
CA MET B 289 27.60 15.72 -43.09
C MET B 289 28.62 15.97 -44.20
N ASP B 290 29.53 16.91 -43.98
CA ASP B 290 30.56 17.21 -44.97
C ASP B 290 31.40 15.99 -45.33
N LYS B 291 31.45 15.01 -44.45
CA LYS B 291 32.22 13.80 -44.69
C LYS B 291 31.34 12.63 -45.11
N LEU B 292 30.10 12.97 -45.46
CA LEU B 292 29.12 11.97 -45.89
C LEU B 292 28.85 12.18 -47.37
N GLN B 293 28.83 11.11 -48.16
CA GLN B 293 28.60 11.24 -49.60
C GLN B 293 27.71 10.14 -50.17
N LEU B 294 26.91 10.50 -51.19
CA LEU B 294 26.01 9.57 -51.86
C LEU B 294 26.75 8.32 -52.35
N LYS B 295 26.01 7.25 -52.59
CA LYS B 295 26.63 6.03 -53.02
C LYS B 295 26.29 5.69 -54.46
N GLY B 296 27.30 5.68 -55.31
CA GLY B 296 27.08 5.31 -56.70
C GLY B 296 26.91 6.42 -57.71
N MET B 297 27.33 7.64 -57.36
CA MET B 297 27.20 8.77 -58.28
C MET B 297 28.13 8.64 -59.49
N SER B 298 28.65 7.44 -59.67
CA SER B 298 29.54 7.14 -60.79
C SER B 298 28.75 6.31 -61.79
N TYR B 299 27.55 5.92 -61.38
CA TYR B 299 26.72 5.10 -62.24
C TYR B 299 25.92 5.89 -63.27
N SER B 300 25.32 5.14 -64.18
CA SER B 300 24.50 5.69 -65.26
C SER B 300 23.07 5.22 -65.06
N MET B 301 22.12 6.03 -65.49
CA MET B 301 20.73 5.65 -65.39
C MET B 301 20.57 4.30 -66.06
N CYS B 302 19.83 3.40 -65.43
CA CYS B 302 19.57 2.08 -65.98
C CYS B 302 18.80 2.32 -67.26
N THR B 303 18.79 1.33 -68.15
CA THR B 303 18.10 1.47 -69.42
C THR B 303 17.04 0.42 -69.59
N GLY B 304 17.16 -0.66 -68.83
CA GLY B 304 16.19 -1.74 -68.90
C GLY B 304 14.85 -1.40 -68.26
N LYS B 305 14.04 -2.40 -68.02
CA LYS B 305 12.74 -2.15 -67.42
C LYS B 305 12.60 -2.71 -66.02
N PHE B 306 11.63 -2.16 -65.28
CA PHE B 306 11.36 -2.59 -63.91
C PHE B 306 9.97 -3.22 -63.76
N LYS B 307 9.84 -4.05 -62.72
CA LYS B 307 8.60 -4.71 -62.40
C LYS B 307 8.22 -4.32 -60.97
N VAL B 308 6.94 -4.05 -60.73
CA VAL B 308 6.54 -3.69 -59.39
C VAL B 308 6.44 -4.98 -58.60
N VAL B 309 7.24 -5.07 -57.55
CA VAL B 309 7.28 -6.24 -56.68
C VAL B 309 6.40 -6.06 -55.46
N LYS B 310 6.24 -4.82 -55.02
CA LYS B 310 5.41 -4.55 -53.88
C LYS B 310 4.70 -3.24 -54.16
N GLU B 311 3.42 -3.37 -54.46
CA GLU B 311 2.54 -2.27 -54.80
C GLU B 311 2.65 -1.01 -53.95
N ILE B 312 2.50 0.14 -54.61
CA ILE B 312 2.56 1.44 -53.95
C ILE B 312 1.69 1.49 -52.69
N ALA B 313 2.28 1.89 -51.57
CA ALA B 313 1.50 2.00 -50.34
C ALA B 313 1.78 3.36 -49.71
N GLU B 314 0.77 3.96 -49.08
CA GLU B 314 0.93 5.27 -48.48
C GLU B 314 1.16 5.20 -46.98
N THR B 315 2.08 6.00 -46.46
CA THR B 315 2.35 5.98 -45.02
C THR B 315 1.46 6.97 -44.30
N GLN B 316 1.54 7.01 -42.98
CA GLN B 316 0.71 7.91 -42.20
C GLN B 316 1.10 9.38 -42.33
N HIS B 317 2.04 9.70 -43.21
CA HIS B 317 2.44 11.09 -43.37
C HIS B 317 2.33 11.56 -44.80
N GLY B 318 1.58 10.81 -45.60
CA GLY B 318 1.39 11.19 -47.00
C GLY B 318 2.46 10.76 -47.98
N THR B 319 3.59 10.24 -47.51
CA THR B 319 4.60 9.75 -48.44
C THR B 319 4.17 8.36 -48.89
N ILE B 320 4.74 7.87 -49.98
CA ILE B 320 4.41 6.54 -50.46
C ILE B 320 5.70 5.76 -50.58
N VAL B 321 5.59 4.43 -50.49
CA VAL B 321 6.73 3.55 -50.61
C VAL B 321 6.36 2.53 -51.67
N ILE B 322 7.32 2.20 -52.52
CA ILE B 322 7.06 1.20 -53.56
C ILE B 322 8.30 0.29 -53.64
N ARG B 323 8.13 -0.94 -54.14
CA ARG B 323 9.28 -1.83 -54.28
C ARG B 323 9.32 -2.43 -55.68
N VAL B 324 10.36 -2.09 -56.43
CA VAL B 324 10.54 -2.57 -57.79
C VAL B 324 11.76 -3.44 -57.97
N GLN B 325 11.74 -4.26 -59.02
CA GLN B 325 12.84 -5.16 -59.37
C GLN B 325 13.28 -4.93 -60.81
N TYR B 326 14.59 -4.91 -61.03
CA TYR B 326 15.13 -4.66 -62.36
C TYR B 326 15.25 -5.92 -63.19
N GLU B 327 15.00 -5.80 -64.50
CA GLU B 327 15.09 -6.93 -65.41
C GLU B 327 16.11 -6.62 -66.51
N GLY B 328 16.65 -5.41 -66.49
CA GLY B 328 17.64 -5.00 -67.48
C GLY B 328 19.02 -5.52 -67.13
N ASP B 329 19.95 -5.46 -68.07
CA ASP B 329 21.28 -5.99 -67.82
C ASP B 329 22.28 -4.94 -67.38
N GLY B 330 21.78 -3.78 -67.01
CA GLY B 330 22.68 -2.70 -66.60
C GLY B 330 23.46 -2.86 -65.32
N SER B 331 23.15 -3.88 -64.52
CA SER B 331 23.88 -4.10 -63.26
C SER B 331 23.90 -2.77 -62.47
N PRO B 332 24.89 -2.58 -61.56
CA PRO B 332 24.92 -1.32 -60.81
C PRO B 332 24.61 -0.06 -61.62
N CYS B 333 23.37 0.40 -61.52
CA CYS B 333 22.91 1.60 -62.24
C CYS B 333 21.85 2.36 -61.45
N LYS B 334 21.73 3.67 -61.71
CA LYS B 334 20.76 4.53 -61.04
C LYS B 334 19.35 4.28 -61.57
N ILE B 335 18.35 4.21 -60.69
CA ILE B 335 16.98 3.98 -61.14
C ILE B 335 16.30 5.30 -61.53
N PRO B 336 15.76 5.37 -62.76
CA PRO B 336 15.07 6.57 -63.25
C PRO B 336 13.80 6.67 -62.43
N PHE B 337 13.59 7.81 -61.79
CA PHE B 337 12.40 7.97 -60.96
C PHE B 337 11.95 9.40 -60.86
N GLU B 338 10.66 9.64 -61.11
CA GLU B 338 10.14 11.00 -61.01
C GLU B 338 8.65 11.03 -60.84
N ILE B 339 8.18 12.08 -60.17
CA ILE B 339 6.75 12.27 -59.96
C ILE B 339 6.29 13.45 -60.80
N MET B 340 5.50 13.12 -61.84
CA MET B 340 4.97 14.10 -62.78
C MET B 340 3.53 14.46 -62.50
N ASP B 341 3.07 15.50 -63.20
CA ASP B 341 1.67 15.90 -63.07
C ASP B 341 0.83 14.99 -63.96
N LEU B 342 -0.50 15.14 -63.85
CA LEU B 342 -1.42 14.34 -64.63
C LEU B 342 -1.01 14.19 -66.09
N GLU B 343 -0.48 15.25 -66.68
CA GLU B 343 -0.08 15.16 -68.07
C GLU B 343 1.39 14.79 -68.33
N LYS B 344 2.15 14.49 -67.29
CA LYS B 344 3.55 14.12 -67.50
C LYS B 344 4.32 15.26 -68.17
N ARG B 345 3.95 16.48 -67.85
CA ARG B 345 4.61 17.65 -68.42
C ARG B 345 5.65 18.23 -67.39
N HIS B 346 5.24 18.50 -66.16
CA HIS B 346 6.10 19.07 -65.12
C HIS B 346 6.33 18.11 -63.96
N VAL B 347 7.46 18.31 -63.25
CA VAL B 347 7.81 17.48 -62.09
C VAL B 347 7.13 18.05 -60.84
N LEU B 348 6.59 17.17 -59.99
CA LEU B 348 5.87 17.63 -58.81
C LEU B 348 6.28 17.08 -57.44
N GLY B 349 6.92 15.92 -57.41
CA GLY B 349 7.26 15.37 -56.12
C GLY B 349 8.73 15.08 -56.00
N ARG B 350 9.17 14.88 -54.76
CA ARG B 350 10.56 14.60 -54.46
C ARG B 350 10.75 13.21 -53.89
N LEU B 351 11.96 12.69 -54.03
CA LEU B 351 12.29 11.39 -53.45
C LEU B 351 12.75 11.62 -52.02
N ILE B 352 12.50 10.64 -51.16
CA ILE B 352 12.99 10.70 -49.78
C ILE B 352 14.20 9.72 -49.88
N THR B 353 13.99 8.59 -50.56
CA THR B 353 15.05 7.63 -50.77
C THR B 353 15.86 8.14 -51.97
N VAL B 354 16.56 9.24 -51.78
CA VAL B 354 17.34 9.83 -52.86
C VAL B 354 18.37 8.89 -53.47
N ASN B 355 18.61 9.08 -54.77
CA ASN B 355 19.57 8.29 -55.52
C ASN B 355 19.31 6.79 -55.47
N PRO B 356 18.12 6.39 -55.91
CA PRO B 356 17.69 4.98 -55.96
C PRO B 356 18.58 4.23 -56.94
N ILE B 357 19.30 3.22 -56.45
CA ILE B 357 20.18 2.47 -57.34
C ILE B 357 20.02 0.96 -57.21
N VAL B 358 20.05 0.27 -58.33
CA VAL B 358 19.98 -1.17 -58.28
C VAL B 358 21.41 -1.60 -57.94
N THR B 359 21.57 -2.78 -57.35
CA THR B 359 22.88 -3.28 -56.98
C THR B 359 23.07 -4.69 -57.51
N GLU B 360 22.00 -5.46 -57.52
CA GLU B 360 22.06 -6.82 -58.01
C GLU B 360 20.79 -7.13 -58.76
N LYS B 361 20.95 -7.59 -59.99
CA LYS B 361 19.82 -7.92 -60.85
C LYS B 361 18.58 -8.33 -60.08
N ASP B 362 18.73 -9.28 -59.17
CA ASP B 362 17.59 -9.81 -58.41
C ASP B 362 17.36 -9.33 -56.97
N SER B 363 17.84 -8.15 -56.64
CA SER B 363 17.60 -7.62 -55.30
C SER B 363 16.61 -6.47 -55.46
N PRO B 364 15.33 -6.70 -55.11
CA PRO B 364 14.30 -5.66 -55.24
C PRO B 364 14.75 -4.41 -54.52
N VAL B 365 14.18 -3.27 -54.90
CA VAL B 365 14.55 -2.00 -54.27
C VAL B 365 13.35 -1.22 -53.76
N ASN B 366 13.48 -0.67 -52.56
CA ASN B 366 12.41 0.10 -51.96
C ASN B 366 12.70 1.58 -52.13
N ILE B 367 11.70 2.34 -52.57
CA ILE B 367 11.82 3.79 -52.76
C ILE B 367 10.70 4.54 -52.01
N GLU B 368 11.04 5.45 -51.11
CA GLU B 368 10.02 6.25 -50.44
C GLU B 368 10.08 7.61 -51.14
N ALA B 369 8.90 8.19 -51.39
CA ALA B 369 8.83 9.47 -52.06
C ALA B 369 7.68 10.36 -51.54
N GLU B 370 7.71 11.64 -51.87
CA GLU B 370 6.61 12.50 -51.38
C GLU B 370 5.87 13.06 -52.59
N PRO B 371 4.76 12.44 -52.95
CA PRO B 371 4.02 12.95 -54.10
C PRO B 371 3.25 14.19 -53.62
N PRO B 372 2.70 14.95 -54.56
CA PRO B 372 1.94 16.18 -54.27
C PRO B 372 0.55 15.81 -53.87
N PHE B 373 -0.14 16.75 -53.22
CA PHE B 373 -1.52 16.52 -52.85
C PHE B 373 -2.30 16.41 -54.16
N GLY B 374 -3.34 15.58 -54.19
CA GLY B 374 -4.06 15.43 -55.44
C GLY B 374 -3.43 14.40 -56.36
N ASP B 375 -3.68 14.55 -57.66
CA ASP B 375 -3.19 13.62 -58.67
C ASP B 375 -1.74 13.81 -59.04
N SER B 376 -1.13 12.71 -59.47
CA SER B 376 0.25 12.70 -59.91
C SER B 376 0.53 11.33 -60.47
N TYR B 377 1.59 11.24 -61.26
CA TYR B 377 2.01 10.00 -61.88
C TYR B 377 3.39 9.62 -61.37
N ILE B 378 3.59 8.35 -61.05
CA ILE B 378 4.89 7.86 -60.59
C ILE B 378 5.54 7.23 -61.83
N ILE B 379 6.55 7.87 -62.42
CA ILE B 379 7.23 7.34 -63.61
C ILE B 379 8.56 6.64 -63.25
N ILE B 380 8.65 5.33 -63.54
CA ILE B 380 9.84 4.54 -63.23
C ILE B 380 10.43 3.86 -64.40
N GLY B 381 11.73 4.03 -64.56
CA GLY B 381 12.41 3.44 -65.70
C GLY B 381 12.32 4.33 -66.92
N VAL B 382 12.98 3.93 -68.00
CA VAL B 382 12.96 4.72 -69.21
C VAL B 382 12.13 4.08 -70.31
N GLU B 383 11.54 4.96 -71.11
CA GLU B 383 10.70 4.69 -72.26
C GLU B 383 10.24 3.25 -72.58
N PRO B 384 11.15 2.36 -73.07
CA PRO B 384 10.75 0.97 -73.40
C PRO B 384 10.22 0.16 -72.21
N GLY B 385 8.91 0.22 -71.97
CA GLY B 385 8.32 -0.51 -70.85
C GLY B 385 8.35 0.27 -69.55
N GLN B 386 8.33 1.60 -69.69
CA GLN B 386 8.38 2.51 -68.55
C GLN B 386 7.12 2.45 -67.70
N LEU B 387 7.30 2.28 -66.40
CA LEU B 387 6.19 2.23 -65.47
C LEU B 387 5.56 3.62 -65.27
N LYS B 388 4.26 3.70 -65.48
CA LYS B 388 3.53 4.95 -65.33
C LYS B 388 2.39 4.64 -64.37
N LEU B 389 2.64 4.82 -63.09
CA LEU B 389 1.64 4.52 -62.07
C LEU B 389 0.94 5.77 -61.56
N ASN B 390 -0.39 5.76 -61.60
CA ASN B 390 -1.11 6.91 -61.15
C ASN B 390 -1.34 6.82 -59.67
N TRP B 391 -1.39 7.98 -59.03
CA TRP B 391 -1.57 8.05 -57.59
C TRP B 391 -2.37 9.31 -57.19
N PHE B 392 -3.13 9.20 -56.10
CA PHE B 392 -3.88 10.33 -55.62
C PHE B 392 -3.57 10.41 -54.15
N LYS B 393 -3.29 11.63 -53.67
CA LYS B 393 -2.93 11.79 -52.26
C LYS B 393 -3.89 12.55 -51.37
N LYS B 394 -3.88 12.16 -50.09
CA LYS B 394 -4.70 12.75 -49.03
C LYS B 394 -6.05 13.10 -49.57
C1 NAG C . -4.79 -15.51 41.39
C2 NAG C . -3.46 -15.22 42.08
C3 NAG C . -2.48 -16.39 41.93
C4 NAG C . -3.14 -17.68 42.44
C5 NAG C . -4.41 -17.89 41.64
C6 NAG C . -5.12 -19.20 41.99
C7 NAG C . -2.46 -13.05 42.35
C8 NAG C . -1.27 -12.22 41.87
N2 NAG C . -2.89 -14.00 41.53
O3 NAG C . -1.29 -16.14 42.68
O4 NAG C . -2.26 -18.81 42.26
O5 NAG C . -5.32 -16.78 41.85
O6 NAG C . -6.38 -18.96 42.62
O7 NAG C . -2.96 -12.82 43.45
C1 NAG C . -2.01 -19.58 43.40
C2 NAG C . -1.86 -21.07 43.03
C3 NAG C . -1.53 -21.93 44.26
C4 NAG C . -0.43 -21.33 45.16
C5 NAG C . -0.61 -19.81 45.35
C6 NAG C . 0.61 -19.16 45.96
C7 NAG C . -3.24 -21.70 41.15
C8 NAG C . -4.60 -22.16 40.63
N2 NAG C . -3.12 -21.55 42.47
O3 NAG C . -1.12 -23.22 43.83
O4 NAG C . -0.51 -21.99 46.46
O5 NAG C . -0.84 -19.16 44.08
O6 NAG C . 1.44 -18.61 44.93
O7 NAG C . -2.32 -21.48 40.38
C1 BMA C . 0.44 -22.97 46.84
C2 BMA C . 1.31 -23.46 45.66
C3 BMA C . 2.19 -24.61 46.14
C4 BMA C . 3.03 -24.15 47.35
C5 BMA C . 2.14 -23.56 48.46
C6 BMA C . 2.96 -22.91 49.57
O2 BMA C . 2.13 -22.39 45.19
O3 BMA C . 3.05 -25.04 45.09
O4 BMA C . 3.77 -25.25 47.87
O5 BMA C . 1.28 -22.53 47.92
O6 BMA C . 2.86 -23.65 50.79
C1 FUL C . -6.64 -19.84 43.69
C2 FUL C . -8.05 -19.57 44.19
O2 FUL C . -8.99 -19.73 43.14
C3 FUL C . -8.38 -20.51 45.33
O3 FUL C . -9.71 -20.32 45.78
C4 FUL C . -7.40 -20.24 46.44
O4 FUL C . -7.57 -18.91 46.89
C5 FUL C . -5.96 -20.45 45.95
C6 FUL C . -4.92 -20.02 46.97
O5 FUL C . -5.71 -19.68 44.76
C1 NAG D . 15.10 -7.34 -41.23
C2 NAG D . 14.01 -8.14 -41.94
C3 NAG D . 14.23 -9.66 -41.78
C4 NAG D . 15.63 -10.02 -42.26
C5 NAG D . 16.62 -9.21 -41.44
C6 NAG D . 18.06 -9.56 -41.76
C7 NAG D . 11.74 -7.45 -42.27
C8 NAG D . 10.32 -7.78 -41.83
N2 NAG D . 12.71 -7.76 -41.42
O3 NAG D . 13.28 -10.38 -42.54
O4 NAG D . 15.87 -11.44 -42.05
O5 NAG D . 16.40 -7.78 -41.66
O6 NAG D . 18.74 -8.45 -42.36
O7 NAG D . 11.95 -6.95 -43.38
C1 NAG D . 16.31 -12.16 -43.17
C2 NAG D . 17.31 -13.25 -42.75
C3 NAG D . 17.76 -14.08 -43.96
C4 NAG D . 16.61 -14.51 -44.89
C5 NAG D . 15.60 -13.36 -45.11
C6 NAG D . 14.31 -13.83 -45.74
C7 NAG D . 18.66 -12.64 -40.84
C8 NAG D . 19.89 -11.93 -40.29
N2 NAG D . 18.50 -12.64 -42.16
O3 NAG D . 18.44 -15.25 -43.50
O4 NAG D . 17.17 -14.91 -46.16
O5 NAG D . 15.23 -12.75 -43.87
O6 NAG D . 13.33 -14.07 -44.75
O7 NAG D . 17.86 -13.18 -40.09
C1 BMA D . 17.28 -16.27 -46.53
C2 BMA D . 17.03 -17.22 -45.36
C3 BMA D . 17.32 -18.65 -45.83
C4 BMA D . 16.46 -18.99 -47.04
C5 BMA D . 16.64 -17.93 -48.16
C6 BMA D . 15.65 -18.12 -49.30
O2 BMA D . 15.68 -17.13 -44.93
O3 BMA D . 17.04 -19.56 -44.77
O4 BMA D . 16.81 -20.26 -47.55
O5 BMA D . 16.43 -16.61 -47.64
O6 BMA D . 16.30 -18.55 -50.49
C1 FUL D . 19.59 -8.86 -43.40
C2 FUL D . 20.36 -7.64 -43.89
O2 FUL D . 21.08 -7.08 -42.81
C3 FUL D . 21.31 -8.04 -44.98
O3 FUL D . 22.03 -6.90 -45.43
C4 FUL D . 20.49 -8.60 -46.12
O4 FUL D . 19.65 -7.58 -46.62
C5 FUL D . 19.64 -9.80 -45.64
C6 FUL D . 18.65 -10.26 -46.69
O5 FUL D . 18.86 -9.45 -44.48
C1 NAG E . -0.49 -19.97 -17.76
C2 NAG E . -1.57 -20.95 -18.30
C3 NAG E . -1.30 -22.40 -17.85
C4 NAG E . 0.17 -22.79 -18.04
C5 NAG E . 1.07 -21.74 -17.37
C6 NAG E . 2.55 -22.06 -17.50
C7 NAG E . -3.86 -20.31 -18.68
C8 NAG E . -5.28 -20.51 -18.16
N2 NAG E . -2.87 -20.53 -17.83
O3 NAG E . -2.11 -23.28 -18.60
O4 NAG E . 0.40 -24.08 -17.46
O5 NAG E . 0.84 -20.46 -17.99
O6 NAG E . 3.09 -21.56 -18.71
O7 NAG E . -3.68 -19.96 -19.85
C1 BOG F . -14.53 -9.78 15.83
O1 BOG F . -14.79 -8.54 16.49
C2 BOG F . -12.98 -9.91 15.86
O2 BOG F . -12.41 -8.86 15.08
C3 BOG F . -12.50 -11.31 15.31
O3 BOG F . -11.15 -11.57 15.69
C4 BOG F . -13.36 -12.47 15.88
O4 BOG F . -13.08 -13.67 15.17
C5 BOG F . -14.86 -12.15 15.79
O5 BOG F . -15.14 -10.92 16.48
C6 BOG F . -15.70 -13.23 16.44
O6 BOG F . -15.23 -14.53 16.11
C1' BOG F . -16.32 -8.57 17.02
C2' BOG F . -17.06 -7.48 16.16
C3' BOG F . -18.35 -7.02 16.93
C4' BOG F . -18.25 -5.54 17.37
C5' BOG F . -19.25 -4.65 16.61
C6' BOG F . -18.61 -3.32 16.13
C7' BOG F . -18.16 -2.43 17.33
C8' BOG F . -19.22 -1.35 17.60
C1 NAG G . 14.82 -12.87 17.81
C2 NAG G . 16.25 -12.74 18.33
C3 NAG G . 17.15 -13.91 17.90
C4 NAG G . 16.47 -15.26 18.11
C5 NAG G . 15.09 -15.24 17.47
C6 NAG G . 14.32 -16.55 17.60
C7 NAG G . 17.29 -10.59 18.66
C8 NAG G . 18.37 -9.67 18.11
N2 NAG G . 16.79 -11.49 17.82
O3 NAG G . 18.37 -13.89 18.65
O4 NAG G . 17.27 -16.29 17.53
O5 NAG G . 14.30 -14.18 18.09
O6 NAG G . 13.53 -16.60 18.80
O7 NAG G . 16.90 -10.46 19.83
C1 BOG H . 16.95 4.03 -15.84
O1 BOG H . 16.08 5.00 -16.45
C2 BOG H . 16.00 2.79 -15.84
O2 BOG H . 14.82 3.08 -15.08
C3 BOG H . 16.69 1.53 -15.28
O3 BOG H . 15.98 0.36 -15.65
C4 BOG H . 18.13 1.38 -15.83
O4 BOG H . 18.82 0.36 -15.11
C5 BOG H . 18.90 2.70 -15.74
O5 BOG H . 18.19 3.74 -16.46
C6 BOG H . 20.27 2.61 -16.38
O6 BOG H . 20.93 1.39 -16.02
C1' BOG H . 16.96 5.99 -17.36
C2' BOG H . 16.76 7.29 -16.58
C3' BOG H . 17.27 8.52 -17.27
C4' BOG H . 16.12 9.47 -17.60
C5' BOG H . 16.21 10.78 -16.77
C6' BOG H . 14.82 11.24 -16.26
C7' BOG H . 13.85 11.62 -17.41
C8' BOG H . 13.81 13.14 -17.62
#